data_9DQM
#
_entry.id   9DQM
#
_cell.length_a   90.584
_cell.length_b   90.584
_cell.length_c   376.753
_cell.angle_alpha   90.00
_cell.angle_beta   90.00
_cell.angle_gamma   120.00
#
_symmetry.space_group_name_H-M   'P 65 2 2'
#
loop_
_entity.id
_entity.type
_entity.pdbx_description
1 polymer 'Pyrophosphate--fructose 6-phosphate 1-phosphotransferase 1'
2 non-polymer 'PHOSPHATE ION'
3 non-polymer 'ADENOSINE MONOPHOSPHATE'
4 water water
#
_entity_poly.entity_id   1
_entity_poly.type   'polypeptide(L)'
_entity_poly.pdbx_seq_one_letter_code
;MAHHHHHHMSTEAPVLGILCGGGPAPGLNGVIAGATLYALRLGWKVIGFMEGFKYLCTGDVDVVKAHTIDLTYDIVSRIH
FQGGTIIQTSRANPRKSPELQENVRKCLRALKVRYFLTIGGDDTASSAVSVASGMNGNEISVISCPKTIDNDLPLPADQS
TFGFHTARSLGMEIIRNLMVDSKSAPRWFLVEAMGRSAGHLALGMAEASGAHLCLIPEEFKQDEIEFEDVVELVEATILK
RLAYGKNYGVCVLAEGLVSKMSKKALYKLFGNREPPTDPHGHILLDDAELARSLSEELLKRLGNLGIRITPKKIGYELRC
ADPVAFDAVYTRELGYGAIDAFLNGHSAALIVRENGQVKPVQFKDLLDPATGRVRTRLVDVTSQSFKVARVYMWRMSKKD
YENKDLVARVAAAGKMTPEAFTEKFAHLTDVVVE
;
_entity_poly.pdbx_strand_id   A,B
#
# COMPACT_ATOMS: atom_id res chain seq x y z
N GLU A 12 22.09 36.48 2.24
CA GLU A 12 21.20 35.96 1.20
C GLU A 12 20.42 34.75 1.70
N ALA A 13 19.40 34.34 0.93
CA ALA A 13 18.57 33.20 1.30
C ALA A 13 19.22 31.91 0.83
N PRO A 14 19.40 30.93 1.72
CA PRO A 14 20.13 29.70 1.32
C PRO A 14 19.52 29.04 0.10
N VAL A 15 20.39 28.43 -0.70
CA VAL A 15 19.98 27.75 -1.93
C VAL A 15 20.03 26.24 -1.69
N LEU A 16 18.94 25.57 -2.04
CA LEU A 16 18.85 24.11 -2.02
C LEU A 16 18.78 23.63 -3.46
N GLY A 17 19.69 22.75 -3.85
CA GLY A 17 19.72 22.20 -5.19
C GLY A 17 19.34 20.73 -5.13
N ILE A 18 18.53 20.31 -6.09
CA ILE A 18 17.98 18.95 -6.11
C ILE A 18 18.24 18.34 -7.48
N LEU A 19 18.59 17.05 -7.50
CA LEU A 19 18.61 16.33 -8.77
C LEU A 19 18.19 14.88 -8.56
N CYS A 20 17.88 14.22 -9.67
CA CYS A 20 17.54 12.80 -9.71
C CYS A 20 18.58 12.07 -10.55
N GLY A 21 18.94 10.87 -10.11
CA GLY A 21 19.82 10.02 -10.88
C GLY A 21 19.27 8.62 -10.98
N GLY A 22 19.77 7.89 -11.97
CA GLY A 22 19.30 6.54 -12.19
C GLY A 22 17.91 6.52 -12.80
N GLY A 23 17.32 5.32 -12.79
CA GLY A 23 16.00 5.12 -13.36
C GLY A 23 14.90 5.60 -12.45
N PRO A 24 13.81 6.12 -13.03
CA PRO A 24 12.74 6.65 -12.19
C PRO A 24 11.98 5.56 -11.46
N ALA A 25 11.38 5.94 -10.35
CA ALA A 25 10.43 5.14 -9.61
C ALA A 25 9.27 6.05 -9.25
N PRO A 26 8.04 5.52 -9.21
CA PRO A 26 6.89 6.37 -8.83
C PRO A 26 7.14 7.02 -7.48
N GLY A 27 6.90 8.33 -7.40
CA GLY A 27 7.06 9.06 -6.16
C GLY A 27 8.25 9.99 -6.15
N LEU A 28 9.14 9.92 -7.16
CA LEU A 28 10.21 10.90 -7.24
C LEU A 28 9.67 12.31 -7.12
N ASN A 29 8.57 12.61 -7.82
CA ASN A 29 8.00 13.95 -7.74
C ASN A 29 7.52 14.23 -6.34
N GLY A 30 7.10 13.19 -5.62
CA GLY A 30 6.71 13.34 -4.25
C GLY A 30 7.86 13.79 -3.37
N VAL A 31 9.05 13.22 -3.58
CA VAL A 31 10.21 13.66 -2.79
C VAL A 31 10.54 15.10 -3.15
N ILE A 32 10.56 15.41 -4.46
CA ILE A 32 10.89 16.77 -4.88
C ILE A 32 9.98 17.77 -4.20
N ALA A 33 8.68 17.48 -4.19
CA ALA A 33 7.71 18.43 -3.66
C ALA A 33 7.77 18.50 -2.15
N GLY A 34 7.92 17.35 -1.49
CA GLY A 34 8.01 17.36 -0.04
C GLY A 34 9.17 18.18 0.46
N ALA A 35 10.30 18.12 -0.23
CA ALA A 35 11.45 18.93 0.19
C ALA A 35 11.26 20.38 -0.23
N THR A 36 10.74 20.62 -1.46
CA THR A 36 10.67 21.99 -1.96
C THR A 36 9.64 22.81 -1.20
N LEU A 37 8.42 22.29 -1.03
CA LEU A 37 7.38 23.11 -0.38
C LEU A 37 7.80 23.49 1.04
N TYR A 38 8.37 22.55 1.78
CA TYR A 38 8.83 22.85 3.14
C TYR A 38 10.00 23.83 3.12
N ALA A 39 10.94 23.63 2.20
CA ALA A 39 12.04 24.57 2.04
C ALA A 39 11.52 25.98 1.79
N LEU A 40 10.56 26.10 0.87
CA LEU A 40 9.99 27.42 0.58
C LEU A 40 9.31 28.03 1.79
N ARG A 41 8.70 27.21 2.64
CA ARG A 41 8.13 27.73 3.87
C ARG A 41 9.18 28.35 4.76
N LEU A 42 10.44 27.95 4.61
CA LEU A 42 11.54 28.52 5.38
C LEU A 42 12.19 29.71 4.68
N GLY A 43 11.78 30.00 3.44
CA GLY A 43 12.40 31.08 2.70
C GLY A 43 13.64 30.71 1.92
N TRP A 44 13.86 29.42 1.69
CA TRP A 44 14.97 28.98 0.87
C TRP A 44 14.62 29.17 -0.61
N LYS A 45 15.62 29.49 -1.40
CA LYS A 45 15.51 29.37 -2.85
C LYS A 45 15.80 27.91 -3.20
N VAL A 46 14.97 27.33 -4.05
CA VAL A 46 15.16 25.94 -4.46
C VAL A 46 15.42 25.92 -5.97
N ILE A 47 16.45 25.20 -6.38
CA ILE A 47 16.74 24.99 -7.79
C ILE A 47 16.80 23.50 -8.04
N GLY A 48 16.40 23.10 -9.25
CA GLY A 48 16.49 21.72 -9.66
C GLY A 48 17.37 21.56 -10.87
N PHE A 49 18.27 20.58 -10.84
CA PHE A 49 19.14 20.30 -11.97
C PHE A 49 18.45 19.31 -12.89
N MET A 50 18.40 19.63 -14.17
CA MET A 50 17.82 18.72 -15.15
C MET A 50 18.83 17.62 -15.49
N GLU A 51 18.34 16.39 -15.54
CA GLU A 51 19.08 15.21 -16.00
C GLU A 51 20.26 14.89 -15.08
N GLY A 52 19.98 14.87 -13.77
CA GLY A 52 20.98 14.40 -12.84
C GLY A 52 22.29 15.18 -12.95
N PHE A 53 23.40 14.45 -12.94
CA PHE A 53 24.72 15.06 -12.99
C PHE A 53 25.19 15.29 -14.42
N LYS A 54 24.34 15.03 -15.41
CA LYS A 54 24.74 15.09 -16.81
C LYS A 54 25.44 16.41 -17.13
N TYR A 55 24.80 17.52 -16.80
CA TYR A 55 25.36 18.84 -17.12
C TYR A 55 26.28 19.37 -16.02
N LEU A 56 26.17 18.84 -14.80
CA LEU A 56 27.07 19.26 -13.74
C LEU A 56 28.47 18.70 -13.98
N CYS A 57 28.58 17.57 -14.66
CA CYS A 57 29.87 16.96 -14.92
C CYS A 57 30.70 17.76 -15.92
N THR A 58 30.11 18.73 -16.62
CA THR A 58 30.83 19.48 -17.64
C THR A 58 31.60 20.66 -17.02
N GLY A 59 31.10 21.21 -15.92
CA GLY A 59 31.71 22.34 -15.27
C GLY A 59 31.39 23.70 -15.86
N ASP A 60 30.88 23.74 -17.08
CA ASP A 60 30.52 25.02 -17.70
C ASP A 60 29.35 25.63 -16.96
N VAL A 61 29.57 26.81 -16.38
CA VAL A 61 28.58 27.39 -15.47
C VAL A 61 27.32 27.80 -16.22
N ASP A 62 27.45 28.40 -17.39
CA ASP A 62 26.29 28.83 -18.15
C ASP A 62 25.58 27.68 -18.86
N VAL A 63 26.22 26.52 -18.98
CA VAL A 63 25.53 25.34 -19.47
C VAL A 63 24.64 24.75 -18.37
N VAL A 64 25.12 24.75 -17.14
CA VAL A 64 24.32 24.25 -16.02
C VAL A 64 23.14 25.19 -15.76
N LYS A 65 23.41 26.50 -15.70
CA LYS A 65 22.33 27.46 -15.51
C LYS A 65 21.23 27.23 -16.54
N ALA A 66 21.60 26.90 -17.78
CA ALA A 66 20.64 26.70 -18.85
C ALA A 66 19.85 25.40 -18.68
N HIS A 67 20.37 24.46 -17.91
CA HIS A 67 19.67 23.22 -17.59
C HIS A 67 19.42 23.14 -16.08
N THR A 68 19.08 24.28 -15.49
CA THR A 68 18.74 24.38 -14.08
C THR A 68 17.52 25.28 -13.97
N ILE A 69 16.55 24.88 -13.15
CA ILE A 69 15.28 25.59 -13.06
C ILE A 69 15.02 26.04 -11.63
N ASP A 70 14.29 27.15 -11.49
CA ASP A 70 13.80 27.57 -10.18
C ASP A 70 12.59 26.70 -9.82
N LEU A 71 12.68 26.00 -8.69
CA LEU A 71 11.59 25.13 -8.23
C LEU A 71 10.71 25.93 -7.28
N THR A 72 9.72 26.62 -7.85
CA THR A 72 8.83 27.47 -7.10
C THR A 72 7.61 26.68 -6.59
N TYR A 73 6.77 27.38 -5.82
CA TYR A 73 5.54 26.79 -5.30
C TYR A 73 4.69 26.25 -6.43
N ASP A 74 4.43 27.06 -7.45
CA ASP A 74 3.51 26.65 -8.50
C ASP A 74 4.03 25.45 -9.27
N ILE A 75 5.35 25.36 -9.44
CA ILE A 75 5.93 24.24 -10.18
C ILE A 75 5.75 22.92 -9.44
N VAL A 76 5.83 22.93 -8.11
CA VAL A 76 5.78 21.68 -7.36
C VAL A 76 4.46 21.46 -6.65
N SER A 77 3.56 22.45 -6.67
CA SER A 77 2.39 22.40 -5.81
C SER A 77 1.54 21.15 -6.03
N ARG A 78 1.54 20.58 -7.23
CA ARG A 78 0.63 19.47 -7.51
C ARG A 78 1.32 18.29 -8.20
N ILE A 79 2.64 18.25 -8.18
CA ILE A 79 3.32 17.09 -8.77
C ILE A 79 3.31 15.87 -7.87
N HIS A 80 2.82 15.97 -6.64
CA HIS A 80 2.68 14.75 -5.85
C HIS A 80 1.69 13.76 -6.47
N PHE A 81 0.86 14.20 -7.41
CA PHE A 81 -0.01 13.26 -8.12
C PHE A 81 0.66 12.56 -9.30
N GLN A 82 1.86 12.99 -9.69
CA GLN A 82 2.38 12.68 -11.03
C GLN A 82 3.53 11.69 -10.94
N GLY A 83 3.48 10.68 -11.78
CA GLY A 83 4.66 9.85 -11.97
C GLY A 83 5.77 10.61 -12.66
N GLY A 84 6.94 9.94 -12.72
CA GLY A 84 8.09 10.50 -13.40
C GLY A 84 8.81 11.49 -12.50
N THR A 85 9.66 12.31 -13.12
CA THR A 85 10.35 13.39 -12.41
C THR A 85 10.35 14.61 -13.31
N ILE A 86 9.93 15.75 -12.75
CA ILE A 86 9.83 16.97 -13.55
C ILE A 86 11.20 17.54 -13.87
N ILE A 87 12.23 17.14 -13.13
CA ILE A 87 13.58 17.54 -13.46
C ILE A 87 14.34 16.44 -14.20
N GLN A 88 13.61 15.45 -14.74
CA GLN A 88 14.24 14.36 -15.45
C GLN A 88 15.34 13.73 -14.62
N THR A 89 16.06 12.79 -15.22
CA THR A 89 17.14 12.10 -14.53
C THR A 89 18.14 11.61 -15.58
N SER A 90 19.31 11.24 -15.09
CA SER A 90 20.39 10.74 -15.93
C SER A 90 21.19 9.71 -15.16
N ARG A 91 21.83 8.80 -15.89
CA ARG A 91 22.80 7.90 -15.30
C ARG A 91 24.22 8.45 -15.38
N ALA A 92 24.38 9.68 -15.83
CA ALA A 92 25.71 10.31 -15.82
C ALA A 92 26.14 10.49 -14.37
N ASN A 93 27.17 9.77 -13.96
CA ASN A 93 27.67 9.78 -12.59
C ASN A 93 29.12 10.20 -12.63
N PRO A 94 29.52 11.28 -11.92
CA PRO A 94 30.95 11.65 -11.87
C PRO A 94 31.79 10.79 -10.96
N ARG A 95 31.21 9.77 -10.33
CA ARG A 95 31.91 9.01 -9.30
C ARG A 95 33.28 8.53 -9.75
N LYS A 96 33.51 8.40 -11.05
CA LYS A 96 34.72 7.74 -11.53
C LYS A 96 35.92 8.68 -11.55
N SER A 97 35.78 9.88 -12.12
CA SER A 97 36.91 10.75 -12.39
C SER A 97 37.10 11.80 -11.31
N PRO A 98 38.33 12.04 -10.85
CA PRO A 98 38.55 13.16 -9.93
C PRO A 98 38.26 14.51 -10.55
N GLU A 99 38.44 14.63 -11.87
CA GLU A 99 38.17 15.90 -12.55
C GLU A 99 36.67 16.16 -12.62
N LEU A 100 35.89 15.19 -13.08
CA LEU A 100 34.44 15.36 -13.11
C LEU A 100 33.93 15.85 -11.77
N GLN A 101 34.46 15.29 -10.67
CA GLN A 101 34.07 15.74 -9.34
C GLN A 101 34.38 17.23 -9.16
N GLU A 102 35.61 17.64 -9.47
CA GLU A 102 35.97 19.05 -9.34
C GLU A 102 35.02 19.92 -10.15
N ASN A 103 34.64 19.46 -11.34
CA ASN A 103 33.72 20.22 -12.17
C ASN A 103 32.36 20.41 -11.49
N VAL A 104 31.86 19.36 -10.84
CA VAL A 104 30.58 19.48 -10.16
C VAL A 104 30.67 20.49 -9.02
N ARG A 105 31.71 20.40 -8.19
CA ARG A 105 31.86 21.30 -7.06
C ARG A 105 31.93 22.75 -7.52
N LYS A 106 32.63 23.00 -8.62
CA LYS A 106 32.74 24.35 -9.17
C LYS A 106 31.37 24.94 -9.48
N CYS A 107 30.47 24.15 -10.10
CA CYS A 107 29.14 24.67 -10.40
C CYS A 107 28.31 24.84 -9.14
N LEU A 108 28.41 23.90 -8.20
CA LEU A 108 27.65 24.05 -6.95
C LEU A 108 28.05 25.33 -6.22
N ARG A 109 29.35 25.52 -6.00
CA ARG A 109 29.82 26.72 -5.32
C ARG A 109 29.41 27.97 -6.09
N ALA A 110 29.46 27.91 -7.42
CA ALA A 110 29.09 29.07 -8.23
C ALA A 110 27.60 29.38 -8.06
N LEU A 111 26.77 28.34 -7.94
CA LEU A 111 25.36 28.49 -7.68
C LEU A 111 25.05 28.78 -6.21
N LYS A 112 26.07 28.97 -5.38
CA LYS A 112 25.89 29.21 -3.95
C LYS A 112 24.96 28.16 -3.34
N VAL A 113 25.03 26.93 -3.87
CA VAL A 113 24.26 25.82 -3.32
C VAL A 113 24.76 25.56 -1.90
N ARG A 114 23.92 25.84 -0.91
CA ARG A 114 24.20 25.52 0.48
C ARG A 114 23.78 24.10 0.84
N TYR A 115 22.75 23.57 0.18
CA TYR A 115 22.18 22.27 0.50
C TYR A 115 21.97 21.50 -0.80
N PHE A 116 22.56 20.31 -0.90
CA PHE A 116 22.56 19.52 -2.11
C PHE A 116 21.87 18.20 -1.82
N LEU A 117 20.79 17.92 -2.54
CA LEU A 117 19.95 16.75 -2.32
C LEU A 117 19.91 15.90 -3.60
N THR A 118 20.37 14.67 -3.49
CA THR A 118 20.32 13.73 -4.61
C THR A 118 19.31 12.64 -4.32
N ILE A 119 18.55 12.25 -5.34
CA ILE A 119 17.55 11.18 -5.24
C ILE A 119 17.89 10.18 -6.33
N GLY A 120 18.29 8.98 -5.94
CA GLY A 120 18.71 8.02 -6.94
C GLY A 120 19.32 6.80 -6.29
N GLY A 121 19.79 5.90 -7.17
CA GLY A 121 20.29 4.61 -6.74
C GLY A 121 21.71 4.63 -6.25
N ASP A 122 22.30 3.43 -6.20
CA ASP A 122 23.64 3.25 -5.63
C ASP A 122 24.63 4.23 -6.25
N ASP A 123 24.66 4.31 -7.59
CA ASP A 123 25.65 5.14 -8.24
C ASP A 123 25.40 6.62 -7.98
N THR A 124 24.14 7.01 -7.77
CA THR A 124 23.83 8.39 -7.46
C THR A 124 24.41 8.79 -6.11
N ALA A 125 24.32 7.91 -5.12
CA ALA A 125 24.85 8.20 -3.80
C ALA A 125 26.38 8.21 -3.81
N SER A 126 27.01 7.23 -4.47
CA SER A 126 28.46 7.25 -4.58
C SER A 126 28.94 8.56 -5.20
N SER A 127 28.18 9.11 -6.14
CA SER A 127 28.55 10.39 -6.75
C SER A 127 28.50 11.49 -5.70
N ALA A 128 27.47 11.50 -4.87
CA ALA A 128 27.33 12.54 -3.86
C ALA A 128 28.44 12.45 -2.82
N VAL A 129 28.80 11.24 -2.42
CA VAL A 129 29.84 11.05 -1.41
C VAL A 129 31.20 11.46 -1.97
N SER A 130 31.49 11.08 -3.22
CA SER A 130 32.74 11.51 -3.84
C SER A 130 32.79 13.02 -4.00
N VAL A 131 31.64 13.64 -4.23
CA VAL A 131 31.60 15.10 -4.38
C VAL A 131 31.59 15.79 -3.03
N ALA A 132 31.30 15.08 -1.96
CA ALA A 132 31.34 15.64 -0.63
C ALA A 132 32.77 15.70 -0.10
N ASN A 136 33.74 20.63 2.84
CA ASN A 136 33.34 21.69 3.76
C ASN A 136 31.87 21.59 4.14
N GLY A 137 31.58 20.87 5.23
CA GLY A 137 30.20 20.70 5.68
C GLY A 137 29.50 21.98 6.04
N ASN A 138 30.24 23.02 6.39
CA ASN A 138 29.65 24.34 6.62
C ASN A 138 29.39 25.06 5.31
N GLU A 139 30.22 24.81 4.29
CA GLU A 139 30.01 25.42 2.99
C GLU A 139 28.80 24.78 2.29
N ILE A 140 28.81 23.45 2.20
CA ILE A 140 27.70 22.69 1.66
C ILE A 140 27.28 21.66 2.70
N SER A 141 26.17 20.98 2.42
CA SER A 141 25.81 19.75 3.10
C SER A 141 25.14 18.88 2.04
N VAL A 142 25.50 17.60 1.99
CA VAL A 142 25.04 16.70 0.93
C VAL A 142 24.25 15.55 1.54
N ILE A 143 23.10 15.25 0.97
CA ILE A 143 22.27 14.13 1.41
C ILE A 143 21.69 13.45 0.18
N SER A 144 21.69 12.12 0.20
CA SER A 144 21.01 11.34 -0.83
C SER A 144 19.78 10.66 -0.24
N CYS A 145 18.78 10.48 -1.10
CA CYS A 145 17.57 9.74 -0.74
C CYS A 145 17.54 8.45 -1.55
N PRO A 146 17.72 7.29 -0.92
CA PRO A 146 17.88 6.05 -1.71
C PRO A 146 16.63 5.71 -2.48
N LYS A 147 16.81 5.47 -3.76
CA LYS A 147 15.71 5.19 -4.68
C LYS A 147 15.91 3.79 -5.23
N THR A 148 14.90 2.95 -5.08
CA THR A 148 14.85 1.68 -5.78
C THR A 148 13.41 1.19 -5.81
N ILE A 149 12.93 0.86 -7.01
CA ILE A 149 11.63 0.22 -7.20
C ILE A 149 11.61 -1.22 -6.79
N ASP A 150 12.78 -1.81 -6.56
CA ASP A 150 12.93 -3.25 -6.40
C ASP A 150 12.72 -3.73 -4.98
N ASN A 151 12.58 -2.83 -4.00
CA ASN A 151 12.33 -3.22 -2.62
C ASN A 151 13.55 -3.84 -1.97
N ASP A 152 14.75 -3.55 -2.48
CA ASP A 152 15.96 -4.25 -2.10
C ASP A 152 16.88 -3.39 -1.22
N LEU A 153 16.34 -2.39 -0.52
CA LEU A 153 17.11 -1.72 0.52
C LEU A 153 17.07 -2.54 1.80
N PRO A 154 18.15 -2.46 2.64
CA PRO A 154 18.16 -3.23 3.89
C PRO A 154 17.29 -2.58 4.96
N LEU A 155 16.13 -2.08 4.54
CA LEU A 155 15.13 -1.63 5.49
C LEU A 155 14.70 -2.82 6.34
N PRO A 156 14.26 -2.58 7.57
CA PRO A 156 13.71 -3.70 8.38
C PRO A 156 12.74 -4.52 7.57
N ALA A 157 12.98 -5.83 7.47
CA ALA A 157 12.24 -6.69 6.56
C ALA A 157 10.77 -6.32 6.59
N ASP A 158 10.08 -6.52 5.46
CA ASP A 158 8.70 -6.10 5.21
C ASP A 158 8.63 -4.65 4.75
N GLN A 159 9.22 -3.72 5.50
CA GLN A 159 9.08 -2.30 5.19
C GLN A 159 9.60 -2.02 3.78
N SER A 160 8.75 -1.41 2.97
CA SER A 160 9.02 -1.25 1.55
C SER A 160 9.87 -0.01 1.30
N THR A 161 10.49 0.01 0.12
CA THR A 161 11.12 1.16 -0.49
C THR A 161 10.08 1.92 -1.34
N PHE A 162 10.28 3.21 -1.50
CA PHE A 162 9.23 3.96 -2.19
C PHE A 162 9.17 3.54 -3.66
N GLY A 163 7.97 3.62 -4.23
CA GLY A 163 7.73 3.23 -5.59
C GLY A 163 7.38 1.78 -5.77
N PHE A 164 7.76 0.93 -4.81
CA PHE A 164 7.48 -0.49 -4.90
C PHE A 164 5.99 -0.78 -4.85
N HIS A 165 5.25 -0.09 -3.99
CA HIS A 165 3.81 -0.35 -3.95
C HIS A 165 3.14 0.01 -5.27
N THR A 166 3.50 1.16 -5.85
CA THR A 166 2.90 1.55 -7.12
C THR A 166 3.21 0.52 -8.18
N ALA A 167 4.48 0.10 -8.26
CA ALA A 167 4.87 -0.86 -9.27
C ALA A 167 4.19 -2.19 -9.08
N ARG A 168 4.07 -2.66 -7.83
CA ARG A 168 3.46 -3.98 -7.61
C ARG A 168 1.97 -3.94 -7.96
N SER A 169 1.31 -2.84 -7.61
CA SER A 169 -0.12 -2.77 -7.86
C SER A 169 -0.41 -2.72 -9.35
N LEU A 170 0.31 -1.88 -10.09
CA LEU A 170 0.09 -1.80 -11.54
C LEU A 170 0.39 -3.15 -12.19
N GLY A 171 1.49 -3.79 -11.80
CA GLY A 171 1.75 -5.14 -12.29
C GLY A 171 0.61 -6.11 -12.01
N MET A 172 0.04 -6.03 -10.81
CA MET A 172 -1.10 -6.88 -10.48
C MET A 172 -2.26 -6.65 -11.45
N GLU A 173 -2.53 -5.39 -11.80
CA GLU A 173 -3.61 -5.10 -12.72
C GLU A 173 -3.32 -5.61 -14.12
N ILE A 174 -2.07 -5.49 -14.56
CA ILE A 174 -1.73 -5.98 -15.90
C ILE A 174 -1.97 -7.47 -15.97
N ILE A 175 -1.50 -8.18 -14.95
CA ILE A 175 -1.61 -9.62 -14.91
C ILE A 175 -3.05 -10.07 -14.73
N ARG A 176 -3.87 -9.27 -14.06
CA ARG A 176 -5.29 -9.60 -13.99
C ARG A 176 -5.89 -9.71 -15.38
N ASN A 177 -5.63 -8.72 -16.24
CA ASN A 177 -6.11 -8.79 -17.61
C ASN A 177 -5.54 -10.01 -18.32
N LEU A 178 -4.27 -10.33 -18.07
CA LEU A 178 -3.69 -11.50 -18.73
C LEU A 178 -4.32 -12.79 -18.22
N MET A 179 -4.69 -12.81 -16.94
CA MET A 179 -5.36 -13.96 -16.33
C MET A 179 -6.74 -14.17 -16.93
N VAL A 180 -7.45 -13.07 -17.19
CA VAL A 180 -8.75 -13.17 -17.86
C VAL A 180 -8.59 -13.64 -19.31
N ASP A 181 -7.61 -13.06 -20.02
CA ASP A 181 -7.40 -13.46 -21.43
C ASP A 181 -6.94 -14.91 -21.54
N SER A 182 -6.14 -15.38 -20.57
CA SER A 182 -5.63 -16.73 -20.66
C SER A 182 -6.71 -17.79 -20.40
N LYS A 183 -7.68 -17.48 -19.55
CA LYS A 183 -8.78 -18.41 -19.31
C LYS A 183 -9.85 -18.27 -20.37
N SER A 184 -10.08 -17.06 -20.86
CA SER A 184 -11.07 -16.86 -21.90
C SER A 184 -10.68 -17.57 -23.19
N ALA A 185 -9.39 -17.55 -23.54
CA ALA A 185 -8.89 -18.11 -24.80
C ALA A 185 -7.65 -18.93 -24.44
N PRO A 186 -7.84 -20.19 -24.03
CA PRO A 186 -6.77 -20.90 -23.31
C PRO A 186 -5.37 -20.77 -23.88
N ARG A 187 -4.46 -20.42 -22.97
CA ARG A 187 -3.10 -20.01 -23.30
C ARG A 187 -2.33 -19.84 -22.00
N TRP A 188 -1.01 -20.01 -22.08
CA TRP A 188 -0.10 -19.66 -20.99
C TRP A 188 0.64 -18.37 -21.37
N PHE A 189 0.73 -17.46 -20.43
CA PHE A 189 1.59 -16.29 -20.56
C PHE A 189 2.79 -16.49 -19.65
N LEU A 190 4.00 -16.27 -20.20
CA LEU A 190 5.22 -16.17 -19.41
C LEU A 190 5.53 -14.68 -19.26
N VAL A 191 5.30 -14.15 -18.05
CA VAL A 191 5.46 -12.72 -17.80
C VAL A 191 6.86 -12.50 -17.23
N GLU A 192 7.67 -11.72 -17.93
CA GLU A 192 8.98 -11.35 -17.43
C GLU A 192 8.85 -10.03 -16.67
N ALA A 193 9.14 -10.05 -15.36
CA ALA A 193 9.17 -8.85 -14.55
C ALA A 193 10.59 -8.26 -14.61
N MET A 194 10.71 -7.09 -15.23
CA MET A 194 12.01 -6.43 -15.34
C MET A 194 12.61 -6.18 -13.97
N GLY A 195 13.95 -6.20 -13.92
CA GLY A 195 14.65 -6.06 -12.66
C GLY A 195 15.39 -7.31 -12.24
N ARG A 196 16.72 -7.22 -12.14
CA ARG A 196 17.55 -8.40 -11.84
C ARG A 196 18.10 -8.39 -10.42
N SER A 197 17.84 -7.35 -9.65
CA SER A 197 18.42 -7.23 -8.32
C SER A 197 17.81 -8.20 -7.33
N ALA A 198 16.49 -8.41 -7.41
CA ALA A 198 15.80 -9.17 -6.39
C ALA A 198 14.44 -9.60 -6.92
N GLY A 199 13.82 -10.54 -6.20
CA GLY A 199 12.55 -11.09 -6.58
C GLY A 199 11.32 -10.44 -5.95
N HIS A 200 11.47 -9.32 -5.27
CA HIS A 200 10.32 -8.73 -4.58
C HIS A 200 9.21 -8.35 -5.57
N LEU A 201 9.56 -7.68 -6.67
CA LEU A 201 8.52 -7.21 -7.58
C LEU A 201 7.81 -8.39 -8.25
N ALA A 202 8.58 -9.35 -8.77
CA ALA A 202 8.00 -10.54 -9.38
C ALA A 202 7.08 -11.27 -8.39
N LEU A 203 7.58 -11.55 -7.19
CA LEU A 203 6.76 -12.31 -6.24
C LEU A 203 5.51 -11.54 -5.84
N GLY A 204 5.63 -10.23 -5.62
CA GLY A 204 4.47 -9.46 -5.17
C GLY A 204 3.38 -9.40 -6.20
N MET A 205 3.74 -9.11 -7.45
CA MET A 205 2.76 -9.12 -8.56
C MET A 205 2.10 -10.50 -8.68
N ALA A 206 2.89 -11.55 -8.59
CA ALA A 206 2.37 -12.91 -8.77
C ALA A 206 1.39 -13.27 -7.66
N GLU A 207 1.80 -13.06 -6.40
CA GLU A 207 0.95 -13.40 -5.29
C GLU A 207 -0.31 -12.54 -5.25
N ALA A 208 -0.14 -11.22 -5.42
CA ALA A 208 -1.30 -10.34 -5.47
C ALA A 208 -2.30 -10.82 -6.51
N SER A 209 -1.78 -11.24 -7.67
CA SER A 209 -2.62 -11.58 -8.81
C SER A 209 -3.07 -13.03 -8.79
N GLY A 210 -2.55 -13.85 -7.89
CA GLY A 210 -2.92 -15.25 -7.90
C GLY A 210 -2.33 -16.03 -9.06
N ALA A 211 -1.24 -15.56 -9.63
CA ALA A 211 -0.62 -16.25 -10.75
C ALA A 211 -0.32 -17.69 -10.38
N HIS A 212 -0.34 -18.56 -11.38
CA HIS A 212 -0.18 -19.99 -11.15
C HIS A 212 1.26 -20.39 -10.87
N LEU A 213 2.24 -19.59 -11.24
CA LEU A 213 3.61 -19.86 -10.80
C LEU A 213 4.40 -18.56 -10.76
N CYS A 214 5.41 -18.53 -9.90
CA CYS A 214 6.40 -17.47 -9.87
C CYS A 214 7.76 -18.09 -9.62
N LEU A 215 8.79 -17.62 -10.33
CA LEU A 215 10.17 -18.09 -10.15
C LEU A 215 11.09 -16.91 -9.92
N ILE A 216 11.82 -16.91 -8.82
CA ILE A 216 12.74 -15.82 -8.49
C ILE A 216 14.11 -16.43 -8.28
N PRO A 217 15.19 -15.66 -8.47
CA PRO A 217 16.53 -16.26 -8.28
C PRO A 217 16.75 -16.75 -6.87
N GLU A 218 16.07 -16.18 -5.88
CA GLU A 218 16.38 -16.52 -4.50
C GLU A 218 15.96 -17.93 -4.11
N GLU A 219 15.00 -18.53 -4.81
CA GLU A 219 14.54 -19.84 -4.38
C GLU A 219 15.44 -20.98 -4.82
N PHE A 220 16.44 -20.72 -5.65
CA PHE A 220 17.32 -21.77 -6.15
C PHE A 220 18.44 -21.98 -5.13
N LYS A 221 18.58 -23.23 -4.66
CA LYS A 221 19.56 -23.54 -3.62
C LYS A 221 20.99 -23.33 -4.13
N GLN A 222 21.32 -23.96 -5.25
CA GLN A 222 22.67 -23.83 -5.80
C GLN A 222 22.94 -22.36 -6.14
N ASP A 223 24.19 -21.96 -5.97
CA ASP A 223 24.59 -20.60 -6.32
C ASP A 223 24.50 -20.34 -7.82
N GLU A 224 24.23 -21.36 -8.63
CA GLU A 224 24.08 -21.20 -10.07
C GLU A 224 22.89 -21.98 -10.59
N ILE A 225 22.33 -21.48 -11.71
CA ILE A 225 21.09 -21.96 -12.28
C ILE A 225 21.36 -22.50 -13.68
N GLU A 226 20.72 -23.62 -14.00
CA GLU A 226 20.82 -24.20 -15.34
C GLU A 226 19.56 -23.89 -16.15
N PHE A 227 19.75 -23.53 -17.42
CA PHE A 227 18.62 -23.17 -18.26
C PHE A 227 17.55 -24.25 -18.17
N GLU A 228 17.96 -25.52 -18.22
CA GLU A 228 17.02 -26.61 -18.33
C GLU A 228 16.21 -26.84 -17.07
N ASP A 229 16.73 -26.45 -15.91
CA ASP A 229 15.96 -26.56 -14.68
C ASP A 229 14.82 -25.54 -14.66
N VAL A 230 15.03 -24.36 -15.23
CA VAL A 230 13.94 -23.39 -15.32
C VAL A 230 12.87 -23.90 -16.26
N VAL A 231 13.27 -24.37 -17.45
CA VAL A 231 12.30 -24.92 -18.39
C VAL A 231 11.45 -25.97 -17.68
N GLU A 232 12.12 -26.92 -17.00
CA GLU A 232 11.42 -28.03 -16.38
C GLU A 232 10.50 -27.56 -15.25
N LEU A 233 10.89 -26.51 -14.51
CA LEU A 233 10.02 -26.00 -13.47
C LEU A 233 8.69 -25.51 -14.05
N VAL A 234 8.76 -24.64 -15.05
CA VAL A 234 7.54 -24.18 -15.69
C VAL A 234 6.80 -25.37 -16.32
N GLU A 235 7.57 -26.28 -16.93
CA GLU A 235 6.97 -27.43 -17.61
C GLU A 235 6.12 -28.27 -16.67
N ALA A 236 6.61 -28.54 -15.47
CA ALA A 236 5.86 -29.39 -14.56
C ALA A 236 4.54 -28.73 -14.15
N THR A 237 4.56 -27.41 -13.94
CA THR A 237 3.35 -26.69 -13.58
C THR A 237 2.31 -26.76 -14.70
N ILE A 238 2.73 -26.50 -15.94
CA ILE A 238 1.81 -26.64 -17.07
C ILE A 238 1.18 -28.02 -17.04
N LEU A 239 2.01 -29.05 -16.88
CA LEU A 239 1.49 -30.42 -16.95
C LEU A 239 0.56 -30.74 -15.79
N LYS A 240 0.85 -30.21 -14.60
CA LYS A 240 -0.05 -30.43 -13.47
C LYS A 240 -1.40 -29.75 -13.73
N ARG A 241 -1.36 -28.47 -14.09
CA ARG A 241 -2.60 -27.78 -14.46
C ARG A 241 -3.35 -28.57 -15.52
N LEU A 242 -2.63 -29.09 -16.51
CA LEU A 242 -3.26 -29.84 -17.58
C LEU A 242 -3.92 -31.10 -17.02
N ALA A 243 -3.28 -31.73 -16.03
CA ALA A 243 -3.85 -32.91 -15.40
C ALA A 243 -5.15 -32.60 -14.66
N TYR A 244 -5.37 -31.34 -14.31
CA TYR A 244 -6.61 -30.90 -13.71
C TYR A 244 -7.55 -30.24 -14.72
N GLY A 245 -7.33 -30.47 -16.01
CA GLY A 245 -8.24 -30.00 -17.03
C GLY A 245 -8.04 -28.57 -17.47
N LYS A 246 -6.95 -27.94 -17.06
CA LYS A 246 -6.69 -26.52 -17.34
C LYS A 246 -5.43 -26.43 -18.20
N ASN A 247 -5.60 -26.18 -19.49
CA ASN A 247 -4.50 -25.98 -20.43
C ASN A 247 -4.15 -24.51 -20.58
N TYR A 248 -4.16 -23.75 -19.49
CA TYR A 248 -3.93 -22.32 -19.51
C TYR A 248 -3.39 -21.87 -18.16
N GLY A 249 -2.73 -20.71 -18.15
CA GLY A 249 -2.33 -20.11 -16.89
C GLY A 249 -1.41 -18.93 -17.12
N VAL A 250 -0.86 -18.45 -16.02
CA VAL A 250 0.07 -17.35 -16.04
C VAL A 250 1.22 -17.69 -15.11
N CYS A 251 2.46 -17.59 -15.60
CA CYS A 251 3.67 -17.79 -14.83
C CYS A 251 4.48 -16.51 -14.88
N VAL A 252 4.91 -16.04 -13.73
CA VAL A 252 5.70 -14.82 -13.60
C VAL A 252 7.14 -15.21 -13.34
N LEU A 253 8.06 -14.64 -14.13
CA LEU A 253 9.50 -14.90 -14.02
C LEU A 253 10.21 -13.61 -13.66
N ALA A 254 11.07 -13.67 -12.64
CA ALA A 254 11.94 -12.54 -12.33
C ALA A 254 13.13 -12.52 -13.29
N GLU A 255 13.38 -11.36 -13.91
CA GLU A 255 14.51 -11.24 -14.83
C GLU A 255 15.84 -11.61 -14.17
N GLY A 256 15.94 -11.53 -12.85
CA GLY A 256 17.17 -11.87 -12.16
C GLY A 256 17.57 -13.31 -12.31
N LEU A 257 16.64 -14.18 -12.71
CA LEU A 257 17.00 -15.54 -13.04
C LEU A 257 18.22 -15.58 -13.96
N VAL A 258 18.31 -14.63 -14.89
CA VAL A 258 19.42 -14.68 -15.85
C VAL A 258 20.74 -14.29 -15.18
N SER A 259 20.71 -13.40 -14.18
CA SER A 259 21.95 -13.01 -13.53
C SER A 259 22.50 -14.11 -12.64
N LYS A 260 21.76 -15.19 -12.42
CA LYS A 260 22.18 -16.32 -11.62
C LYS A 260 22.44 -17.57 -12.45
N MET A 261 22.49 -17.43 -13.78
CA MET A 261 22.63 -18.57 -14.67
C MET A 261 24.11 -18.86 -14.95
N SER A 262 24.40 -20.14 -15.14
CA SER A 262 25.76 -20.60 -15.36
C SER A 262 26.26 -20.14 -16.73
N LYS A 263 27.55 -20.40 -16.99
CA LYS A 263 28.09 -20.17 -18.31
C LYS A 263 27.25 -20.88 -19.37
N LYS A 264 27.09 -22.20 -19.19
CA LYS A 264 26.33 -23.00 -20.15
C LYS A 264 24.90 -22.52 -20.27
N ALA A 265 24.24 -22.30 -19.13
CA ALA A 265 22.85 -21.83 -19.17
C ALA A 265 22.74 -20.54 -19.98
N LEU A 266 23.56 -19.54 -19.65
CA LEU A 266 23.54 -18.30 -20.41
C LEU A 266 23.76 -18.55 -21.90
N TYR A 267 24.59 -19.54 -22.23
CA TYR A 267 24.86 -19.86 -23.63
C TYR A 267 23.62 -20.40 -24.33
N LYS A 268 22.84 -21.24 -23.65
CA LYS A 268 21.56 -21.70 -24.22
C LYS A 268 20.57 -20.54 -24.33
N LEU A 269 20.58 -19.63 -23.37
CA LEU A 269 19.59 -18.55 -23.35
C LEU A 269 19.73 -17.64 -24.55
N PHE A 270 20.97 -17.29 -24.91
CA PHE A 270 21.22 -16.43 -26.05
C PHE A 270 21.21 -17.16 -27.38
N GLY A 271 20.46 -18.26 -27.46
CA GLY A 271 20.31 -18.95 -28.72
C GLY A 271 21.45 -19.88 -29.05
N ASN A 272 21.97 -20.57 -28.03
CA ASN A 272 23.14 -21.45 -28.18
C ASN A 272 24.23 -20.73 -28.99
N ARG A 273 24.58 -19.54 -28.51
CA ARG A 273 25.60 -18.69 -29.10
C ARG A 273 26.31 -17.99 -27.97
N GLU A 274 27.59 -17.71 -28.16
CA GLU A 274 28.38 -17.05 -27.12
C GLU A 274 27.64 -15.79 -26.66
N PRO A 275 27.47 -15.60 -25.34
CA PRO A 275 26.68 -14.45 -24.90
C PRO A 275 27.32 -13.14 -25.37
N PRO A 276 26.50 -12.10 -25.54
CA PRO A 276 27.08 -10.80 -25.91
C PRO A 276 27.98 -10.24 -24.82
N THR A 277 28.89 -9.35 -25.23
CA THR A 277 29.97 -8.89 -24.37
C THR A 277 30.25 -7.42 -24.59
N ASP A 278 30.41 -6.70 -23.49
CA ASP A 278 30.88 -5.31 -23.53
C ASP A 278 32.40 -5.32 -23.66
N PRO A 279 32.99 -4.17 -24.00
CA PRO A 279 34.46 -4.15 -24.17
C PRO A 279 35.23 -4.75 -23.00
N HIS A 280 34.80 -4.50 -21.77
CA HIS A 280 35.55 -4.94 -20.59
C HIS A 280 35.31 -6.41 -20.25
N GLY A 281 34.59 -7.16 -21.08
CA GLY A 281 34.29 -8.54 -20.81
C GLY A 281 33.01 -8.77 -20.01
N HIS A 282 32.50 -7.74 -19.34
CA HIS A 282 31.25 -7.87 -18.60
C HIS A 282 30.11 -8.15 -19.56
N ILE A 283 29.40 -9.26 -19.34
CA ILE A 283 28.34 -9.66 -20.26
C ILE A 283 27.23 -8.62 -20.27
N LEU A 284 26.61 -8.45 -21.44
CA LEU A 284 25.52 -7.49 -21.62
C LEU A 284 24.20 -8.26 -21.47
N LEU A 285 23.78 -8.43 -20.22
CA LEU A 285 22.62 -9.26 -19.91
C LEU A 285 21.30 -8.62 -20.33
N ASP A 286 21.26 -7.30 -20.57
CA ASP A 286 20.00 -6.66 -20.91
C ASP A 286 19.42 -7.23 -22.19
N ASP A 287 20.28 -7.70 -23.10
CA ASP A 287 19.85 -8.17 -24.41
C ASP A 287 19.14 -9.52 -24.33
N ALA A 288 19.38 -10.29 -23.28
CA ALA A 288 18.67 -11.55 -23.11
C ALA A 288 17.17 -11.33 -23.14
N GLU A 289 16.45 -12.39 -23.51
CA GLU A 289 14.99 -12.39 -23.59
C GLU A 289 14.53 -13.68 -22.91
N LEU A 290 14.55 -13.68 -21.58
CA LEU A 290 14.35 -14.91 -20.83
C LEU A 290 12.99 -15.53 -21.13
N ALA A 291 11.95 -14.71 -21.14
CA ALA A 291 10.61 -15.22 -21.38
C ALA A 291 10.45 -15.69 -22.81
N ARG A 292 10.99 -14.94 -23.76
CA ARG A 292 10.88 -15.37 -25.15
C ARG A 292 11.61 -16.70 -25.36
N SER A 293 12.75 -16.87 -24.68
CA SER A 293 13.51 -18.12 -24.81
C SER A 293 12.74 -19.29 -24.20
N LEU A 294 12.25 -19.13 -22.98
CA LEU A 294 11.55 -20.22 -22.32
C LEU A 294 10.28 -20.60 -23.09
N SER A 295 9.61 -19.63 -23.70
CA SER A 295 8.42 -19.94 -24.49
C SER A 295 8.80 -20.77 -25.72
N GLU A 296 9.88 -20.38 -26.40
CA GLU A 296 10.41 -21.17 -27.50
C GLU A 296 10.58 -22.63 -27.10
N GLU A 297 11.41 -22.88 -26.09
CA GLU A 297 11.70 -24.24 -25.67
C GLU A 297 10.43 -24.98 -25.26
N LEU A 298 9.59 -24.32 -24.48
CA LEU A 298 8.40 -24.98 -23.92
C LEU A 298 7.43 -25.37 -25.01
N LEU A 299 7.26 -24.51 -26.02
CA LEU A 299 6.38 -24.86 -27.13
C LEU A 299 6.91 -26.09 -27.87
N LYS A 300 8.23 -26.24 -27.96
CA LYS A 300 8.81 -27.46 -28.53
C LYS A 300 8.35 -28.69 -27.76
N ARG A 301 8.48 -28.65 -26.43
CA ARG A 301 8.18 -29.82 -25.62
C ARG A 301 6.69 -30.10 -25.48
N LEU A 302 5.87 -29.04 -25.52
CA LEU A 302 4.50 -29.12 -25.02
C LEU A 302 3.41 -28.80 -26.04
N GLY A 303 3.73 -28.10 -27.14
CA GLY A 303 2.68 -27.67 -28.05
C GLY A 303 1.88 -28.81 -28.64
N ASN A 304 2.49 -30.01 -28.72
CA ASN A 304 1.81 -31.21 -29.20
C ASN A 304 0.68 -31.67 -28.28
N LEU A 305 0.50 -31.02 -27.12
CA LEU A 305 -0.59 -31.34 -26.21
C LEU A 305 -1.73 -30.35 -26.30
N GLY A 306 -1.63 -29.37 -27.19
CA GLY A 306 -2.62 -28.31 -27.25
C GLY A 306 -2.32 -27.10 -26.40
N ILE A 307 -1.06 -26.91 -26.01
CA ILE A 307 -0.66 -25.78 -25.19
C ILE A 307 -0.10 -24.69 -26.10
N ARG A 308 -0.52 -23.47 -25.86
CA ARG A 308 0.03 -22.27 -26.48
C ARG A 308 0.68 -21.44 -25.39
N ILE A 309 1.80 -20.80 -25.75
CA ILE A 309 2.65 -20.12 -24.80
C ILE A 309 3.11 -18.82 -25.44
N THR A 310 2.95 -17.72 -24.70
CA THR A 310 3.21 -16.37 -25.20
C THR A 310 4.00 -15.59 -24.16
N PRO A 311 5.17 -15.05 -24.51
CA PRO A 311 5.89 -14.18 -23.58
C PRO A 311 5.26 -12.79 -23.48
N LYS A 312 5.52 -12.12 -22.38
CA LYS A 312 5.00 -10.77 -22.14
C LYS A 312 5.87 -10.07 -21.11
N LYS A 313 6.42 -8.92 -21.45
CA LYS A 313 7.30 -8.17 -20.55
C LYS A 313 6.52 -7.10 -19.80
N ILE A 314 6.75 -7.01 -18.49
CA ILE A 314 6.28 -5.90 -17.66
C ILE A 314 7.52 -5.24 -17.08
N GLY A 315 7.68 -3.94 -17.34
CA GLY A 315 8.82 -3.24 -16.79
C GLY A 315 8.73 -1.74 -16.92
N TYR A 316 8.82 -1.22 -18.16
CA TYR A 316 8.95 0.22 -18.34
C TYR A 316 7.68 0.97 -17.99
N GLU A 317 6.52 0.35 -18.20
CA GLU A 317 5.25 1.00 -17.87
C GLU A 317 5.05 1.23 -16.39
N LEU A 318 5.94 0.71 -15.55
CA LEU A 318 5.81 0.82 -14.11
C LEU A 318 6.63 1.95 -13.49
N ARG A 319 7.69 2.40 -14.18
CA ARG A 319 8.63 3.30 -13.55
C ARG A 319 8.01 4.66 -13.27
N CYS A 320 7.10 5.09 -14.12
CA CYS A 320 6.56 6.43 -14.01
C CYS A 320 5.04 6.42 -13.90
N ALA A 321 4.44 5.30 -13.51
CA ALA A 321 3.03 5.32 -13.13
C ALA A 321 2.83 6.34 -12.00
N ASP A 322 1.66 6.95 -11.97
CA ASP A 322 1.32 7.86 -10.89
C ASP A 322 1.38 7.13 -9.54
N PRO A 323 1.94 7.74 -8.50
CA PRO A 323 2.10 7.02 -7.24
C PRO A 323 0.76 6.71 -6.56
N VAL A 324 0.63 5.50 -6.03
CA VAL A 324 -0.51 5.14 -5.19
C VAL A 324 -0.34 5.87 -3.85
N ALA A 325 -1.40 5.90 -3.04
CA ALA A 325 -1.43 6.77 -1.88
C ALA A 325 -0.32 6.42 -0.89
N PHE A 326 -0.05 5.13 -0.68
CA PHE A 326 1.06 4.76 0.20
C PHE A 326 2.36 5.43 -0.21
N ASP A 327 2.66 5.42 -1.50
CA ASP A 327 3.86 6.07 -2.00
C ASP A 327 3.76 7.57 -1.98
N ALA A 328 2.56 8.14 -2.13
CA ALA A 328 2.39 9.59 -1.94
C ALA A 328 2.78 10.00 -0.53
N VAL A 329 2.22 9.32 0.48
CA VAL A 329 2.56 9.66 1.87
C VAL A 329 4.04 9.40 2.14
N TYR A 330 4.55 8.28 1.64
CA TYR A 330 5.95 7.91 1.86
C TYR A 330 6.88 9.00 1.38
N THR A 331 6.68 9.47 0.18
CA THR A 331 7.63 10.40 -0.41
C THR A 331 7.45 11.79 0.15
N ARG A 332 6.25 12.15 0.60
CA ARG A 332 6.09 13.39 1.34
CA ARG A 332 6.09 13.39 1.34
C ARG A 332 6.89 13.36 2.65
N GLU A 333 6.84 12.23 3.36
CA GLU A 333 7.63 12.12 4.60
C GLU A 333 9.14 12.10 4.31
N LEU A 334 9.56 11.43 3.23
CA LEU A 334 10.97 11.44 2.86
C LEU A 334 11.45 12.84 2.49
N GLY A 335 10.67 13.57 1.68
CA GLY A 335 11.10 14.91 1.34
C GLY A 335 11.19 15.82 2.54
N TYR A 336 10.19 15.76 3.43
CA TYR A 336 10.27 16.51 4.68
C TYR A 336 11.51 16.12 5.46
N GLY A 337 11.79 14.81 5.56
CA GLY A 337 12.92 14.37 6.36
C GLY A 337 14.25 14.86 5.83
N ALA A 338 14.33 15.07 4.51
CA ALA A 338 15.54 15.66 3.95
C ALA A 338 15.75 17.07 4.50
N ILE A 339 14.69 17.89 4.48
CA ILE A 339 14.83 19.26 4.99
C ILE A 339 15.17 19.27 6.47
N ASP A 340 14.64 18.31 7.23
CA ASP A 340 14.92 18.24 8.66
C ASP A 340 16.37 17.89 8.91
N ALA A 341 16.93 16.98 8.10
CA ALA A 341 18.35 16.65 8.22
C ALA A 341 19.21 17.88 7.91
N PHE A 342 18.92 18.56 6.79
CA PHE A 342 19.67 19.76 6.44
C PHE A 342 19.70 20.74 7.60
N LEU A 343 18.53 21.04 8.17
CA LEU A 343 18.43 22.01 9.24
C LEU A 343 19.29 21.62 10.43
N ASN A 344 19.07 20.42 10.95
CA ASN A 344 19.80 19.88 12.10
C ASN A 344 21.23 19.57 11.79
N GLY A 345 21.79 20.05 10.69
CA GLY A 345 23.22 20.05 10.49
C GLY A 345 23.81 18.77 9.94
N HIS A 346 22.99 17.84 9.49
CA HIS A 346 23.50 16.58 8.99
C HIS A 346 24.12 16.75 7.61
N SER A 347 24.97 15.80 7.24
CA SER A 347 25.64 15.80 5.95
C SER A 347 26.22 14.42 5.70
N ALA A 348 26.40 14.11 4.42
CA ALA A 348 26.97 12.82 3.99
C ALA A 348 26.13 11.66 4.49
N ALA A 349 24.81 11.86 4.53
CA ALA A 349 23.91 10.84 5.06
C ALA A 349 22.82 10.50 4.05
N LEU A 350 22.19 9.36 4.30
CA LEU A 350 21.09 8.86 3.50
C LEU A 350 19.80 8.98 4.31
N ILE A 351 18.72 9.32 3.63
CA ILE A 351 17.42 9.54 4.26
C ILE A 351 16.58 8.29 4.01
N VAL A 352 16.28 7.56 5.07
CA VAL A 352 15.46 6.36 4.97
C VAL A 352 14.38 6.43 6.03
N ARG A 353 13.24 5.81 5.75
CA ARG A 353 12.21 5.59 6.75
C ARG A 353 12.39 4.17 7.30
N GLU A 354 12.54 4.08 8.61
CA GLU A 354 12.57 2.81 9.34
C GLU A 354 11.65 2.99 10.53
N ASN A 355 10.66 2.11 10.68
CA ASN A 355 9.82 2.12 11.88
C ASN A 355 8.99 3.40 11.99
N GLY A 356 8.40 3.81 10.88
CA GLY A 356 7.56 4.99 10.86
C GLY A 356 8.28 6.31 11.05
N GLN A 357 9.58 6.29 11.32
CA GLN A 357 10.37 7.49 11.50
C GLN A 357 11.27 7.67 10.28
N VAL A 358 11.36 8.90 9.79
CA VAL A 358 12.37 9.26 8.79
C VAL A 358 13.60 9.76 9.52
N LYS A 359 14.75 9.14 9.27
CA LYS A 359 15.99 9.46 10.00
C LYS A 359 17.16 9.46 9.03
N PRO A 360 18.11 10.36 9.22
CA PRO A 360 19.32 10.31 8.38
C PRO A 360 20.33 9.28 8.86
N VAL A 361 20.40 8.13 8.18
CA VAL A 361 21.39 7.10 8.49
C VAL A 361 22.69 7.47 7.79
N GLN A 362 23.74 7.66 8.57
CA GLN A 362 25.00 8.17 8.05
C GLN A 362 25.53 7.29 6.90
N PHE A 363 26.37 7.91 6.08
CA PHE A 363 26.91 7.21 4.91
C PHE A 363 27.66 5.95 5.34
N LYS A 364 28.75 6.12 6.09
CA LYS A 364 29.52 4.98 6.56
C LYS A 364 28.61 3.91 7.18
N ASP A 365 27.67 4.35 8.03
CA ASP A 365 26.87 3.42 8.84
C ASP A 365 25.81 2.69 8.03
N LEU A 366 25.76 2.85 6.71
CA LEU A 366 24.79 2.12 5.90
C LEU A 366 25.36 1.62 4.58
N LEU A 367 26.46 2.18 4.07
CA LEU A 367 27.10 1.70 2.85
C LEU A 367 28.16 0.67 3.23
N ASP A 368 27.91 -0.60 2.91
CA ASP A 368 28.84 -1.72 3.13
C ASP A 368 30.17 -1.43 2.47
N PRO A 369 31.25 -1.25 3.25
CA PRO A 369 32.53 -0.87 2.61
C PRO A 369 33.17 -1.99 1.80
N ALA A 370 32.81 -3.24 2.03
CA ALA A 370 33.34 -4.33 1.22
C ALA A 370 33.02 -4.13 -0.26
N THR A 371 31.73 -4.05 -0.59
CA THR A 371 31.30 -3.80 -1.96
C THR A 371 31.37 -2.33 -2.34
N GLY A 372 31.52 -1.44 -1.37
CA GLY A 372 31.45 -0.02 -1.65
C GLY A 372 30.09 0.46 -2.07
N ARG A 373 29.03 -0.18 -1.56
CA ARG A 373 27.68 0.12 -1.98
C ARG A 373 26.72 -0.40 -0.91
N VAL A 374 25.55 0.25 -0.83
CA VAL A 374 24.55 -0.16 0.15
C VAL A 374 24.22 -1.63 -0.03
N ARG A 375 23.98 -2.32 1.08
CA ARG A 375 23.69 -3.75 1.05
C ARG A 375 22.34 -4.03 0.40
N THR A 376 22.23 -5.22 -0.19
CA THR A 376 21.07 -5.62 -0.95
C THR A 376 20.18 -6.55 -0.14
N ARG A 377 18.90 -6.21 -0.03
CA ARG A 377 17.93 -7.03 0.68
C ARG A 377 17.18 -7.84 -0.37
N LEU A 378 17.48 -9.14 -0.42
CA LEU A 378 16.79 -10.07 -1.29
C LEU A 378 15.53 -10.60 -0.60
N VAL A 379 14.74 -11.38 -1.32
CA VAL A 379 13.59 -12.03 -0.72
C VAL A 379 14.07 -13.10 0.25
N ASP A 380 13.35 -13.24 1.38
CA ASP A 380 13.62 -14.27 2.38
C ASP A 380 12.72 -15.46 2.10
N VAL A 381 13.27 -16.48 1.42
CA VAL A 381 12.47 -17.62 1.00
C VAL A 381 12.26 -18.63 2.12
N THR A 382 12.95 -18.50 3.24
CA THR A 382 12.73 -19.34 4.40
C THR A 382 11.55 -18.87 5.24
N SER A 383 10.91 -17.77 4.86
CA SER A 383 9.96 -17.08 5.70
C SER A 383 8.54 -17.61 5.53
N GLN A 384 7.68 -17.22 6.48
CA GLN A 384 6.27 -17.57 6.40
C GLN A 384 5.61 -16.96 5.17
N SER A 385 5.91 -15.69 4.87
CA SER A 385 5.29 -15.05 3.72
C SER A 385 5.55 -15.86 2.44
N PHE A 386 6.79 -16.28 2.23
CA PHE A 386 7.10 -16.98 0.99
C PHE A 386 6.39 -18.33 0.94
N LYS A 387 6.26 -19.02 2.08
CA LYS A 387 5.59 -20.30 2.08
C LYS A 387 4.13 -20.16 1.72
N VAL A 388 3.47 -19.12 2.26
CA VAL A 388 2.05 -18.89 1.95
C VAL A 388 1.87 -18.68 0.46
N ALA A 389 2.66 -17.79 -0.14
CA ALA A 389 2.57 -17.56 -1.58
C ALA A 389 2.69 -18.88 -2.34
N ARG A 390 3.60 -19.76 -1.89
CA ARG A 390 3.80 -21.01 -2.61
C ARG A 390 2.56 -21.88 -2.60
N VAL A 391 1.78 -21.83 -1.52
CA VAL A 391 0.66 -22.75 -1.38
C VAL A 391 -0.42 -22.51 -2.42
N TYR A 392 -0.54 -21.29 -2.91
CA TYR A 392 -1.55 -20.96 -3.91
C TYR A 392 -1.01 -21.04 -5.33
N MET A 393 0.28 -21.31 -5.50
CA MET A 393 0.83 -21.63 -6.80
C MET A 393 0.50 -23.08 -7.15
N TRP A 394 0.60 -23.39 -8.45
CA TRP A 394 0.43 -24.75 -8.95
C TRP A 394 1.82 -25.32 -9.24
N ARG A 395 2.17 -26.38 -8.52
CA ARG A 395 3.53 -26.88 -8.62
C ARG A 395 3.61 -28.26 -8.02
N MET A 396 4.74 -28.92 -8.27
CA MET A 396 5.00 -30.27 -7.80
C MET A 396 5.93 -30.22 -6.60
N SER A 397 5.37 -30.43 -5.41
CA SER A 397 6.15 -30.46 -4.18
C SER A 397 6.84 -31.82 -4.00
N LYS A 398 7.74 -31.88 -3.02
CA LYS A 398 8.36 -33.15 -2.66
C LYS A 398 7.29 -34.21 -2.43
N LYS A 399 6.34 -33.91 -1.54
CA LYS A 399 5.29 -34.89 -1.23
C LYS A 399 4.49 -35.23 -2.48
N ASP A 400 4.28 -34.25 -3.35
CA ASP A 400 3.57 -34.50 -4.60
C ASP A 400 4.24 -35.60 -5.41
N TYR A 401 5.56 -35.52 -5.54
CA TYR A 401 6.28 -36.51 -6.34
C TYR A 401 6.15 -37.90 -5.74
N GLU A 402 6.12 -37.99 -4.42
CA GLU A 402 5.96 -39.28 -3.74
C GLU A 402 4.51 -39.74 -3.72
N ASN A 403 3.64 -39.08 -4.49
CA ASN A 403 2.24 -39.45 -4.58
C ASN A 403 2.05 -40.28 -5.84
N LYS A 404 1.98 -41.60 -5.68
CA LYS A 404 1.89 -42.46 -6.84
C LYS A 404 0.72 -42.07 -7.74
N ASP A 405 -0.45 -41.81 -7.15
CA ASP A 405 -1.63 -41.56 -7.95
C ASP A 405 -1.54 -40.22 -8.69
N LEU A 406 -0.94 -39.23 -8.07
CA LEU A 406 -0.83 -37.92 -8.71
C LEU A 406 0.13 -37.97 -9.89
N VAL A 407 1.30 -38.57 -9.69
CA VAL A 407 2.27 -38.70 -10.77
C VAL A 407 1.65 -39.42 -11.95
N ALA A 408 0.69 -40.30 -11.71
CA ALA A 408 0.09 -41.06 -12.79
C ALA A 408 -0.79 -40.18 -13.67
N ARG A 409 -1.43 -39.17 -13.07
CA ARG A 409 -2.30 -38.29 -13.85
C ARG A 409 -1.48 -37.26 -14.62
N VAL A 410 -0.45 -36.70 -13.99
CA VAL A 410 0.36 -35.68 -14.65
C VAL A 410 1.22 -36.31 -15.73
N ALA A 411 1.75 -37.51 -15.46
CA ALA A 411 2.46 -38.25 -16.49
C ALA A 411 1.54 -38.54 -17.66
N ALA A 412 0.34 -39.03 -17.39
CA ALA A 412 -0.67 -39.17 -18.43
C ALA A 412 -0.90 -37.83 -19.14
N ALA A 413 -0.91 -36.74 -18.38
CA ALA A 413 -1.17 -35.44 -18.99
C ALA A 413 -0.13 -35.10 -20.06
N GLY A 414 1.13 -35.36 -19.77
CA GLY A 414 2.21 -35.08 -20.69
C GLY A 414 2.56 -36.20 -21.64
N LYS A 415 1.73 -37.25 -21.70
CA LYS A 415 1.93 -38.36 -22.61
C LYS A 415 3.29 -39.02 -22.40
N MET A 416 3.56 -39.38 -21.14
CA MET A 416 4.81 -40.04 -20.81
C MET A 416 4.57 -41.03 -19.69
N THR A 417 5.52 -41.92 -19.51
CA THR A 417 5.40 -42.91 -18.47
C THR A 417 5.67 -42.26 -17.10
N PRO A 418 5.06 -42.80 -16.04
CA PRO A 418 5.45 -42.34 -14.70
C PRO A 418 6.95 -42.49 -14.42
N GLU A 419 7.61 -43.48 -15.02
CA GLU A 419 9.05 -43.61 -14.83
C GLU A 419 9.76 -42.38 -15.41
N ALA A 420 9.48 -42.06 -16.67
CA ALA A 420 10.14 -40.92 -17.31
C ALA A 420 9.85 -39.63 -16.55
N PHE A 421 8.63 -39.50 -16.03
CA PHE A 421 8.25 -38.28 -15.31
C PHE A 421 9.13 -38.08 -14.09
N THR A 422 9.28 -39.11 -13.26
CA THR A 422 10.12 -39.00 -12.07
C THR A 422 11.57 -38.75 -12.45
N GLU A 423 12.07 -39.47 -13.45
CA GLU A 423 13.46 -39.28 -13.89
C GLU A 423 13.69 -37.84 -14.35
N LYS A 424 12.71 -37.26 -15.00
CA LYS A 424 12.88 -35.91 -15.54
C LYS A 424 12.75 -34.85 -14.46
N PHE A 425 11.72 -34.96 -13.61
CA PHE A 425 11.28 -33.83 -12.78
C PHE A 425 11.56 -33.98 -11.30
N ALA A 426 11.67 -35.20 -10.78
CA ALA A 426 11.74 -35.36 -9.33
C ALA A 426 12.94 -34.65 -8.74
N HIS A 427 14.03 -34.49 -9.52
CA HIS A 427 15.23 -33.88 -8.97
C HIS A 427 15.02 -32.42 -8.60
N LEU A 428 13.97 -31.79 -9.12
CA LEU A 428 13.73 -30.38 -8.89
C LEU A 428 13.56 -30.05 -7.41
N THR A 429 13.23 -31.04 -6.58
CA THR A 429 13.16 -30.78 -5.14
C THR A 429 14.50 -30.32 -4.59
N ASP A 430 15.60 -30.84 -5.15
CA ASP A 430 16.93 -30.38 -4.78
C ASP A 430 17.34 -29.09 -5.50
N VAL A 431 16.57 -28.64 -6.48
CA VAL A 431 16.94 -27.45 -7.24
C VAL A 431 16.42 -26.17 -6.57
N VAL A 432 15.16 -26.18 -6.14
CA VAL A 432 14.57 -25.05 -5.43
C VAL A 432 14.18 -25.49 -4.04
N VAL A 433 14.14 -24.53 -3.11
CA VAL A 433 13.78 -24.84 -1.73
C VAL A 433 12.32 -25.32 -1.68
N GLU A 434 12.05 -26.23 -0.74
CA GLU A 434 10.73 -26.81 -0.57
C GLU A 434 9.91 -25.99 0.42
N GLU B 12 -14.49 -39.13 7.35
CA GLU B 12 -15.27 -38.00 6.87
C GLU B 12 -14.47 -36.70 6.86
N ALA B 13 -14.58 -35.94 5.78
CA ALA B 13 -13.85 -34.69 5.66
C ALA B 13 -14.45 -33.64 6.59
N PRO B 14 -13.61 -32.85 7.26
CA PRO B 14 -14.15 -31.82 8.16
C PRO B 14 -14.84 -30.70 7.40
N VAL B 15 -15.73 -30.01 8.11
CA VAL B 15 -16.59 -28.98 7.52
C VAL B 15 -16.15 -27.62 8.04
N LEU B 16 -15.72 -26.76 7.12
CA LEU B 16 -15.34 -25.39 7.44
C LEU B 16 -16.47 -24.46 7.01
N GLY B 17 -16.99 -23.69 7.96
CA GLY B 17 -18.07 -22.74 7.71
C GLY B 17 -17.57 -21.32 7.83
N ILE B 18 -18.03 -20.45 6.94
CA ILE B 18 -17.49 -19.11 6.80
C ILE B 18 -18.64 -18.13 6.68
N LEU B 19 -18.51 -16.97 7.33
CA LEU B 19 -19.50 -15.92 7.15
C LEU B 19 -18.87 -14.56 7.42
N CYS B 20 -19.47 -13.54 6.84
CA CYS B 20 -19.05 -12.16 7.03
C CYS B 20 -20.13 -11.40 7.79
N GLY B 21 -19.70 -10.54 8.71
CA GLY B 21 -20.61 -9.66 9.41
C GLY B 21 -20.09 -8.24 9.37
N GLY B 22 -20.97 -7.30 9.69
CA GLY B 22 -20.61 -5.90 9.63
C GLY B 22 -20.60 -5.37 8.21
N GLY B 23 -20.07 -4.16 8.07
CA GLY B 23 -19.93 -3.53 6.78
C GLY B 23 -18.78 -4.16 6.02
N PRO B 24 -18.83 -4.15 4.70
CA PRO B 24 -17.73 -4.71 3.92
C PRO B 24 -16.53 -3.79 3.84
N ALA B 25 -15.38 -4.40 3.60
CA ALA B 25 -14.13 -3.70 3.38
C ALA B 25 -13.41 -4.42 2.25
N PRO B 26 -12.69 -3.69 1.41
CA PRO B 26 -11.98 -4.36 0.31
C PRO B 26 -11.11 -5.48 0.83
N GLY B 27 -11.29 -6.68 0.25
CA GLY B 27 -10.47 -7.81 0.61
C GLY B 27 -11.22 -8.91 1.34
N LEU B 28 -12.49 -8.71 1.69
CA LEU B 28 -13.26 -9.80 2.25
C LEU B 28 -13.13 -11.05 1.38
N ASN B 29 -13.33 -10.90 0.06
CA ASN B 29 -13.20 -12.06 -0.81
C ASN B 29 -11.81 -12.67 -0.73
N GLY B 30 -10.80 -11.83 -0.49
CA GLY B 30 -9.44 -12.34 -0.34
C GLY B 30 -9.31 -13.28 0.84
N VAL B 31 -9.91 -12.91 1.97
CA VAL B 31 -9.83 -13.79 3.13
C VAL B 31 -10.59 -15.07 2.84
N ILE B 32 -11.80 -14.91 2.30
CA ILE B 32 -12.64 -16.07 1.97
C ILE B 32 -11.83 -17.07 1.13
N ALA B 33 -11.18 -16.57 0.07
CA ALA B 33 -10.52 -17.44 -0.89
C ALA B 33 -9.22 -17.99 -0.34
N GLY B 34 -8.47 -17.16 0.36
CA GLY B 34 -7.26 -17.65 1.01
C GLY B 34 -7.51 -18.85 1.89
N ALA B 35 -8.58 -18.79 2.70
CA ALA B 35 -8.89 -19.90 3.59
C ALA B 35 -9.51 -21.07 2.84
N THR B 36 -10.49 -20.78 1.99
CA THR B 36 -11.18 -21.84 1.25
C THR B 36 -10.22 -22.67 0.42
N LEU B 37 -9.36 -22.00 -0.37
CA LEU B 37 -8.48 -22.72 -1.28
C LEU B 37 -7.55 -23.64 -0.50
N TYR B 38 -6.95 -23.13 0.57
CA TYR B 38 -6.04 -23.96 1.36
C TYR B 38 -6.79 -25.12 1.99
N ALA B 39 -7.95 -24.85 2.56
CA ALA B 39 -8.75 -25.92 3.14
C ALA B 39 -9.04 -27.00 2.11
N LEU B 40 -9.34 -26.61 0.86
CA LEU B 40 -9.63 -27.59 -0.17
C LEU B 40 -8.37 -28.36 -0.57
N ARG B 41 -7.20 -27.75 -0.45
CA ARG B 41 -5.96 -28.50 -0.66
C ARG B 41 -5.71 -29.53 0.44
N LEU B 42 -6.50 -29.49 1.52
CA LEU B 42 -6.42 -30.47 2.60
C LEU B 42 -7.59 -31.45 2.57
N GLY B 43 -8.55 -31.28 1.67
CA GLY B 43 -9.68 -32.18 1.57
C GLY B 43 -10.88 -31.82 2.39
N TRP B 44 -10.98 -30.58 2.87
CA TRP B 44 -12.11 -30.16 3.66
C TRP B 44 -13.29 -29.80 2.76
N LYS B 45 -14.50 -29.98 3.29
CA LYS B 45 -15.68 -29.35 2.72
C LYS B 45 -15.78 -27.95 3.29
N VAL B 46 -16.19 -26.99 2.47
CA VAL B 46 -16.25 -25.59 2.87
C VAL B 46 -17.59 -25.03 2.44
N ILE B 47 -18.28 -24.37 3.38
CA ILE B 47 -19.58 -23.76 3.12
C ILE B 47 -19.54 -22.30 3.53
N GLY B 48 -20.36 -21.50 2.87
CA GLY B 48 -20.45 -20.10 3.18
C GLY B 48 -21.87 -19.71 3.52
N PHE B 49 -22.06 -19.16 4.71
CA PHE B 49 -23.38 -18.68 5.10
C PHE B 49 -23.62 -17.31 4.49
N MET B 50 -24.77 -17.14 3.85
CA MET B 50 -25.10 -15.88 3.19
C MET B 50 -25.63 -14.89 4.22
N GLU B 51 -25.26 -13.62 4.05
CA GLU B 51 -25.76 -12.54 4.90
C GLU B 51 -25.48 -12.81 6.39
N GLY B 52 -24.23 -13.14 6.70
CA GLY B 52 -23.78 -13.20 8.08
C GLY B 52 -24.59 -14.16 8.94
N PHE B 53 -24.91 -13.71 10.15
CA PHE B 53 -25.72 -14.47 11.10
C PHE B 53 -27.22 -14.33 10.84
N LYS B 54 -27.62 -13.73 9.72
CA LYS B 54 -29.02 -13.38 9.53
C LYS B 54 -29.92 -14.61 9.59
N TYR B 55 -29.56 -15.67 8.88
CA TYR B 55 -30.41 -16.85 8.80
C TYR B 55 -30.04 -17.92 9.80
N LEU B 56 -28.94 -17.75 10.54
CA LEU B 56 -28.58 -18.70 11.58
C LEU B 56 -29.24 -18.35 12.92
N CYS B 57 -29.52 -17.07 13.15
CA CYS B 57 -30.18 -16.68 14.38
C CYS B 57 -31.58 -17.26 14.49
N THR B 58 -32.21 -17.56 13.36
CA THR B 58 -33.57 -18.10 13.40
C THR B 58 -33.59 -19.49 14.00
N GLY B 59 -32.58 -20.31 13.69
CA GLY B 59 -32.51 -21.66 14.18
C GLY B 59 -33.14 -22.71 13.30
N ASP B 60 -33.97 -22.30 12.33
CA ASP B 60 -34.58 -23.25 11.42
C ASP B 60 -33.53 -23.78 10.46
N VAL B 61 -33.48 -25.11 10.32
CA VAL B 61 -32.41 -25.72 9.54
C VAL B 61 -32.75 -25.78 8.06
N ASP B 62 -34.03 -25.86 7.70
CA ASP B 62 -34.42 -25.78 6.30
C ASP B 62 -34.06 -24.42 5.73
N VAL B 63 -34.38 -23.35 6.47
CA VAL B 63 -34.10 -22.01 5.98
C VAL B 63 -32.60 -21.77 5.88
N VAL B 64 -31.84 -22.24 6.88
CA VAL B 64 -30.39 -22.10 6.81
C VAL B 64 -29.87 -22.79 5.56
N LYS B 65 -30.16 -24.08 5.41
CA LYS B 65 -29.75 -24.84 4.23
C LYS B 65 -29.97 -24.05 2.95
N ALA B 66 -31.00 -23.20 2.94
CA ALA B 66 -31.33 -22.43 1.75
C ALA B 66 -30.37 -21.28 1.50
N HIS B 67 -29.86 -20.65 2.57
CA HIS B 67 -28.96 -19.51 2.46
C HIS B 67 -27.55 -19.88 2.89
N THR B 68 -27.11 -21.06 2.49
CA THR B 68 -25.72 -21.48 2.60
C THR B 68 -25.30 -22.05 1.25
N ILE B 69 -24.04 -21.87 0.90
CA ILE B 69 -23.55 -22.30 -0.39
C ILE B 69 -22.31 -23.15 -0.21
N ASP B 70 -22.00 -23.95 -1.21
CA ASP B 70 -20.81 -24.77 -1.22
C ASP B 70 -19.68 -23.95 -1.82
N LEU B 71 -18.64 -23.67 -1.02
CA LEU B 71 -17.53 -22.85 -1.47
C LEU B 71 -16.53 -23.75 -2.19
N THR B 72 -16.70 -23.88 -3.50
CA THR B 72 -15.87 -24.74 -4.32
C THR B 72 -14.64 -23.99 -4.85
N TYR B 73 -13.74 -24.77 -5.45
CA TYR B 73 -12.55 -24.17 -6.06
C TYR B 73 -12.96 -23.14 -7.11
N ASP B 74 -13.94 -23.49 -7.95
CA ASP B 74 -14.28 -22.60 -9.06
C ASP B 74 -14.98 -21.35 -8.58
N ILE B 75 -15.65 -21.41 -7.42
CA ILE B 75 -16.32 -20.24 -6.89
C ILE B 75 -15.30 -19.23 -6.33
N VAL B 76 -14.19 -19.69 -5.78
CA VAL B 76 -13.28 -18.79 -5.09
C VAL B 76 -11.99 -18.55 -5.85
N SER B 77 -11.75 -19.24 -6.96
CA SER B 77 -10.41 -19.23 -7.55
C SER B 77 -9.99 -17.84 -8.02
N ARG B 78 -10.93 -16.98 -8.37
CA ARG B 78 -10.57 -15.66 -8.89
C ARG B 78 -11.17 -14.50 -8.13
N ILE B 79 -11.81 -14.75 -6.98
CA ILE B 79 -12.47 -13.64 -6.28
C ILE B 79 -11.49 -12.74 -5.56
N HIS B 80 -10.21 -13.15 -5.44
CA HIS B 80 -9.19 -12.29 -4.85
C HIS B 80 -9.01 -10.98 -5.61
N PHE B 81 -9.55 -10.88 -6.82
CA PHE B 81 -9.58 -9.62 -7.57
C PHE B 81 -10.79 -8.75 -7.22
N GLN B 82 -11.79 -9.28 -6.51
CA GLN B 82 -13.10 -8.67 -6.45
C GLN B 82 -13.39 -8.02 -5.11
N GLY B 83 -13.90 -6.80 -5.16
CA GLY B 83 -14.44 -6.18 -3.97
C GLY B 83 -15.71 -6.85 -3.53
N GLY B 84 -16.17 -6.45 -2.36
CA GLY B 84 -17.38 -7.00 -1.80
C GLY B 84 -17.10 -8.32 -1.10
N THR B 85 -18.17 -9.07 -0.88
CA THR B 85 -18.10 -10.43 -0.37
C THR B 85 -19.12 -11.27 -1.12
N ILE B 86 -18.65 -12.39 -1.69
CA ILE B 86 -19.56 -13.23 -2.49
C ILE B 86 -20.63 -13.89 -1.64
N ILE B 87 -20.43 -14.01 -0.32
CA ILE B 87 -21.45 -14.57 0.56
C ILE B 87 -22.23 -13.47 1.30
N GLN B 88 -22.18 -12.24 0.78
CA GLN B 88 -22.86 -11.12 1.41
C GLN B 88 -22.49 -11.00 2.89
N THR B 89 -23.18 -10.13 3.61
CA THR B 89 -22.87 -9.87 5.01
C THR B 89 -24.10 -9.32 5.70
N SER B 90 -24.00 -9.17 7.02
CA SER B 90 -25.13 -8.71 7.80
C SER B 90 -24.64 -8.22 9.15
N ARG B 91 -25.40 -7.30 9.73
CA ARG B 91 -25.15 -6.83 11.10
C ARG B 91 -26.02 -7.53 12.13
N ALA B 92 -26.69 -8.62 11.74
CA ALA B 92 -27.51 -9.40 12.68
C ALA B 92 -26.59 -10.10 13.67
N ASN B 93 -26.52 -9.61 14.90
CA ASN B 93 -25.62 -10.16 15.90
C ASN B 93 -26.44 -10.92 16.94
N PRO B 94 -26.24 -12.23 17.08
CA PRO B 94 -26.92 -12.94 18.17
C PRO B 94 -26.31 -12.65 19.53
N ARG B 95 -25.35 -11.70 19.57
CA ARG B 95 -24.66 -11.39 20.81
C ARG B 95 -25.61 -11.07 21.95
N LYS B 96 -26.88 -10.79 21.66
CA LYS B 96 -27.82 -10.34 22.68
C LYS B 96 -28.58 -11.49 23.33
N SER B 97 -29.66 -11.95 22.70
CA SER B 97 -30.59 -12.87 23.37
C SER B 97 -30.02 -14.28 23.42
N PRO B 98 -30.03 -14.92 24.60
CA PRO B 98 -29.45 -16.28 24.68
C PRO B 98 -30.22 -17.31 23.88
N GLU B 99 -31.51 -17.09 23.62
CA GLU B 99 -32.24 -17.99 22.74
C GLU B 99 -31.60 -18.00 21.36
N LEU B 100 -31.35 -16.81 20.80
CA LEU B 100 -30.76 -16.73 19.47
C LEU B 100 -29.42 -17.43 19.41
N GLN B 101 -28.69 -17.47 20.52
CA GLN B 101 -27.35 -18.06 20.50
C GLN B 101 -27.40 -19.57 20.54
N GLU B 102 -28.38 -20.16 21.23
CA GLU B 102 -28.57 -21.60 21.14
C GLU B 102 -28.99 -21.99 19.73
N ASN B 103 -29.79 -21.15 19.07
CA ASN B 103 -30.21 -21.45 17.71
C ASN B 103 -29.01 -21.50 16.75
N VAL B 104 -28.15 -20.48 16.82
CA VAL B 104 -26.97 -20.47 15.96
C VAL B 104 -26.14 -21.73 16.19
N ARG B 105 -26.06 -22.18 17.44
CA ARG B 105 -25.28 -23.37 17.78
C ARG B 105 -25.98 -24.66 17.38
N LYS B 106 -27.30 -24.65 17.26
CA LYS B 106 -28.02 -25.84 16.81
C LYS B 106 -27.73 -26.13 15.34
N CYS B 107 -27.63 -25.08 14.53
CA CYS B 107 -27.32 -25.26 13.11
C CYS B 107 -25.84 -25.57 12.90
N LEU B 108 -24.95 -24.88 13.62
CA LEU B 108 -23.54 -25.20 13.50
C LEU B 108 -23.26 -26.65 13.87
N ARG B 109 -23.93 -27.15 14.91
CA ARG B 109 -23.82 -28.56 15.27
C ARG B 109 -24.62 -29.47 14.34
N ALA B 110 -25.67 -28.94 13.71
CA ALA B 110 -26.45 -29.75 12.80
C ALA B 110 -25.76 -29.93 11.46
N LEU B 111 -24.92 -28.97 11.06
CA LEU B 111 -24.22 -29.01 9.78
C LEU B 111 -22.88 -29.74 9.87
N LYS B 112 -22.54 -30.30 11.03
CA LYS B 112 -21.23 -30.92 11.22
C LYS B 112 -20.11 -29.92 11.00
N VAL B 113 -20.40 -28.63 11.19
CA VAL B 113 -19.39 -27.60 11.07
C VAL B 113 -18.32 -27.83 12.14
N ARG B 114 -17.19 -28.39 11.73
CA ARG B 114 -16.06 -28.53 12.65
C ARG B 114 -15.44 -27.16 12.91
N TYR B 115 -14.99 -26.48 11.86
CA TYR B 115 -14.34 -25.19 12.00
C TYR B 115 -15.25 -24.07 11.53
N PHE B 116 -15.21 -22.95 12.26
CA PHE B 116 -16.11 -21.82 12.06
C PHE B 116 -15.27 -20.55 11.99
N LEU B 117 -15.35 -19.85 10.87
CA LEU B 117 -14.58 -18.63 10.64
C LEU B 117 -15.54 -17.49 10.34
N THR B 118 -15.53 -16.48 11.19
CA THR B 118 -16.28 -15.25 10.99
C THR B 118 -15.32 -14.13 10.62
N ILE B 119 -15.74 -13.26 9.71
CA ILE B 119 -14.93 -12.11 9.29
C ILE B 119 -15.78 -10.86 9.50
N GLY B 120 -15.38 -10.01 10.45
CA GLY B 120 -16.15 -8.81 10.73
C GLY B 120 -15.59 -8.04 11.91
N GLY B 121 -16.35 -7.03 12.31
CA GLY B 121 -15.94 -6.08 13.34
C GLY B 121 -16.28 -6.50 14.74
N ASP B 122 -16.42 -5.50 15.62
CA ASP B 122 -16.56 -5.76 17.05
C ASP B 122 -17.76 -6.65 17.32
N ASP B 123 -18.94 -6.26 16.83
CA ASP B 123 -20.14 -7.03 17.15
C ASP B 123 -20.10 -8.41 16.53
N THR B 124 -19.38 -8.57 15.43
CA THR B 124 -19.31 -9.88 14.78
C THR B 124 -18.45 -10.84 15.58
N ALA B 125 -17.35 -10.34 16.14
CA ALA B 125 -16.50 -11.19 16.98
C ALA B 125 -17.16 -11.45 18.33
N SER B 126 -17.70 -10.41 18.97
CA SER B 126 -18.45 -10.61 20.20
C SER B 126 -19.51 -11.70 20.01
N SER B 127 -20.13 -11.74 18.83
CA SER B 127 -21.08 -12.80 18.53
C SER B 127 -20.38 -14.15 18.48
N ALA B 128 -19.28 -14.24 17.72
CA ALA B 128 -18.59 -15.51 17.57
C ALA B 128 -18.17 -16.09 18.91
N VAL B 129 -17.57 -15.25 19.75
CA VAL B 129 -17.11 -15.72 21.06
C VAL B 129 -18.28 -16.31 21.84
N SER B 130 -19.37 -15.56 21.96
CA SER B 130 -20.47 -16.00 22.82
C SER B 130 -21.01 -17.35 22.39
N VAL B 131 -20.95 -17.68 21.11
CA VAL B 131 -21.46 -18.97 20.67
C VAL B 131 -20.45 -20.09 20.91
N ALA B 132 -19.17 -19.75 21.02
CA ALA B 132 -18.17 -20.72 21.44
C ALA B 132 -18.47 -21.24 22.84
N SER B 133 -18.48 -20.34 23.82
CA SER B 133 -18.83 -20.68 25.19
C SER B 133 -20.16 -21.42 25.26
N ASN B 136 -17.62 -25.05 23.26
CA ASN B 136 -18.86 -25.82 23.36
C ASN B 136 -18.61 -27.24 22.89
N GLY B 137 -17.63 -27.89 23.49
CA GLY B 137 -17.21 -29.22 23.07
C GLY B 137 -16.15 -29.16 21.99
N ASN B 138 -15.29 -30.18 22.01
CA ASN B 138 -14.24 -30.27 21.00
C ASN B 138 -14.77 -30.51 19.59
N GLU B 139 -16.10 -30.55 19.43
CA GLU B 139 -16.68 -30.77 18.10
C GLU B 139 -16.62 -29.52 17.23
N ILE B 140 -16.36 -28.35 17.81
CA ILE B 140 -16.36 -27.09 17.08
C ILE B 140 -15.17 -26.24 17.53
N SER B 141 -14.65 -25.43 16.60
CA SER B 141 -13.57 -24.48 16.88
C SER B 141 -13.86 -23.18 16.15
N VAL B 142 -13.86 -22.08 16.88
CA VAL B 142 -14.33 -20.78 16.38
C VAL B 142 -13.14 -19.83 16.25
N ILE B 143 -13.14 -19.06 15.16
CA ILE B 143 -12.13 -18.04 14.94
C ILE B 143 -12.77 -16.88 14.20
N SER B 144 -12.42 -15.66 14.60
CA SER B 144 -12.88 -14.45 13.93
C SER B 144 -11.68 -13.72 13.34
N CYS B 145 -11.91 -13.02 12.24
CA CYS B 145 -10.86 -12.27 11.56
C CYS B 145 -11.19 -10.79 11.64
N PRO B 146 -10.47 -10.02 12.44
CA PRO B 146 -10.79 -8.58 12.59
C PRO B 146 -10.81 -7.85 11.26
N LYS B 147 -11.94 -7.19 10.99
CA LYS B 147 -12.15 -6.41 9.79
C LYS B 147 -12.46 -4.97 10.19
N THR B 148 -11.75 -4.02 9.60
CA THR B 148 -12.16 -2.62 9.72
C THR B 148 -11.43 -1.81 8.65
N ILE B 149 -12.22 -1.06 7.88
CA ILE B 149 -11.70 -0.09 6.92
C ILE B 149 -11.07 1.09 7.63
N ASP B 150 -11.37 1.26 8.92
CA ASP B 150 -11.03 2.46 9.69
C ASP B 150 -9.60 2.46 10.21
N ASN B 151 -8.88 1.33 10.15
CA ASN B 151 -7.52 1.23 10.63
C ASN B 151 -7.42 1.38 12.14
N ASP B 152 -8.50 1.14 12.88
CA ASP B 152 -8.54 1.42 14.31
C ASP B 152 -8.33 0.16 15.16
N LEU B 153 -7.74 -0.89 14.58
CA LEU B 153 -7.33 -2.02 15.38
C LEU B 153 -6.01 -1.72 16.07
N PRO B 154 -5.79 -2.25 17.32
CA PRO B 154 -4.57 -1.96 18.09
C PRO B 154 -3.36 -2.77 17.64
N LEU B 155 -3.13 -2.81 16.34
CA LEU B 155 -1.93 -3.42 15.81
C LEU B 155 -0.74 -2.52 16.12
N PRO B 156 0.48 -3.05 16.03
CA PRO B 156 1.66 -2.19 16.22
C PRO B 156 1.59 -0.97 15.30
N ALA B 157 1.96 0.18 15.84
CA ALA B 157 1.70 1.47 15.20
C ALA B 157 2.04 1.43 13.71
N ASP B 158 1.27 2.17 12.92
CA ASP B 158 1.49 2.31 11.48
C ASP B 158 0.93 1.12 10.70
N GLN B 159 1.18 -0.09 11.19
CA GLN B 159 0.72 -1.29 10.48
C GLN B 159 -0.79 -1.26 10.30
N SER B 160 -1.24 -1.56 9.09
CA SER B 160 -2.61 -1.28 8.71
C SER B 160 -3.50 -2.51 8.89
N THR B 161 -4.79 -2.25 9.08
CA THR B 161 -5.81 -3.27 8.93
C THR B 161 -6.11 -3.47 7.44
N PHE B 162 -6.63 -4.64 7.09
CA PHE B 162 -6.90 -4.91 5.69
C PHE B 162 -8.09 -4.09 5.21
N GLY B 163 -7.97 -3.56 4.00
CA GLY B 163 -8.96 -2.71 3.42
C GLY B 163 -8.64 -1.23 3.52
N PHE B 164 -7.85 -0.84 4.53
CA PHE B 164 -7.50 0.57 4.68
C PHE B 164 -6.75 1.07 3.45
N HIS B 165 -5.78 0.31 2.95
CA HIS B 165 -4.99 0.84 1.84
C HIS B 165 -5.85 1.07 0.61
N THR B 166 -6.73 0.12 0.30
CA THR B 166 -7.63 0.30 -0.83
C THR B 166 -8.51 1.52 -0.64
N ALA B 167 -9.06 1.69 0.56
CA ALA B 167 -9.95 2.81 0.80
C ALA B 167 -9.20 4.14 0.74
N ARG B 168 -8.01 4.19 1.35
CA ARG B 168 -7.25 5.44 1.32
C ARG B 168 -6.88 5.78 -0.11
N SER B 169 -6.51 4.78 -0.91
CA SER B 169 -6.07 5.05 -2.27
C SER B 169 -7.20 5.56 -3.14
N LEU B 170 -8.34 4.88 -3.13
CA LEU B 170 -9.51 5.38 -3.87
C LEU B 170 -9.90 6.78 -3.42
N GLY B 171 -9.90 7.03 -2.11
CA GLY B 171 -10.17 8.38 -1.65
C GLY B 171 -9.21 9.40 -2.23
N MET B 172 -7.92 9.05 -2.31
CA MET B 172 -6.94 9.99 -2.90
C MET B 172 -7.28 10.29 -4.36
N GLU B 173 -7.75 9.28 -5.11
CA GLU B 173 -8.16 9.49 -6.50
C GLU B 173 -9.41 10.38 -6.60
N ILE B 174 -10.40 10.14 -5.74
CA ILE B 174 -11.59 10.99 -5.77
C ILE B 174 -11.21 12.43 -5.47
N ILE B 175 -10.40 12.60 -4.42
CA ILE B 175 -10.02 13.96 -4.03
C ILE B 175 -9.16 14.59 -5.10
N ARG B 176 -8.34 13.81 -5.80
CA ARG B 176 -7.53 14.39 -6.89
C ARG B 176 -8.45 15.06 -7.91
N ASN B 177 -9.48 14.36 -8.39
CA ASN B 177 -10.42 14.97 -9.31
C ASN B 177 -11.00 16.26 -8.73
N LEU B 178 -11.33 16.25 -7.44
CA LEU B 178 -11.93 17.44 -6.85
C LEU B 178 -10.91 18.55 -6.71
N MET B 179 -9.63 18.19 -6.54
CA MET B 179 -8.60 19.23 -6.48
C MET B 179 -8.46 19.94 -7.82
N VAL B 180 -8.48 19.19 -8.92
CA VAL B 180 -8.48 19.78 -10.25
C VAL B 180 -9.76 20.61 -10.49
N ASP B 181 -10.91 20.06 -10.13
CA ASP B 181 -12.13 20.82 -10.38
C ASP B 181 -12.13 22.13 -9.58
N SER B 182 -11.72 22.07 -8.31
CA SER B 182 -11.82 23.26 -7.48
C SER B 182 -10.86 24.36 -7.91
N LYS B 183 -9.74 23.99 -8.54
CA LYS B 183 -8.81 24.99 -9.07
C LYS B 183 -9.21 25.48 -10.45
N SER B 184 -9.72 24.58 -11.31
CA SER B 184 -10.16 24.98 -12.64
C SER B 184 -11.34 25.96 -12.58
N ALA B 185 -12.29 25.71 -11.66
CA ALA B 185 -13.49 26.53 -11.49
C ALA B 185 -13.57 26.97 -10.03
N PRO B 186 -12.83 28.01 -9.64
CA PRO B 186 -12.52 28.22 -8.21
C PRO B 186 -13.67 27.99 -7.25
N ARG B 187 -13.43 27.12 -6.27
CA ARG B 187 -14.47 26.61 -5.38
C ARG B 187 -13.76 25.88 -4.24
N TRP B 188 -14.43 25.81 -3.10
CA TRP B 188 -13.99 24.98 -1.98
C TRP B 188 -14.89 23.77 -1.88
N PHE B 189 -14.30 22.58 -1.74
CA PHE B 189 -15.05 21.38 -1.40
C PHE B 189 -14.80 21.02 0.06
N LEU B 190 -15.87 20.72 0.79
CA LEU B 190 -15.79 20.17 2.13
C LEU B 190 -16.12 18.68 1.99
N VAL B 191 -15.09 17.84 2.02
CA VAL B 191 -15.24 16.40 1.80
C VAL B 191 -15.43 15.73 3.15
N GLU B 192 -16.50 14.95 3.29
CA GLU B 192 -16.78 14.24 4.53
C GLU B 192 -16.40 12.78 4.32
N ALA B 193 -15.36 12.33 5.03
CA ALA B 193 -14.93 10.94 4.98
C ALA B 193 -15.73 10.15 6.00
N MET B 194 -16.58 9.24 5.53
CA MET B 194 -17.44 8.47 6.40
C MET B 194 -16.62 7.66 7.41
N GLY B 195 -17.26 7.37 8.55
CA GLY B 195 -16.64 6.63 9.63
C GLY B 195 -16.33 7.51 10.83
N ARG B 196 -16.88 7.17 11.99
CA ARG B 196 -16.70 7.97 13.20
C ARG B 196 -15.73 7.36 14.18
N SER B 197 -15.11 6.24 13.86
CA SER B 197 -14.27 5.56 14.83
C SER B 197 -12.96 6.29 15.06
N ALA B 198 -12.33 6.76 13.99
CA ALA B 198 -10.97 7.26 14.07
C ALA B 198 -10.67 8.14 12.87
N GLY B 199 -9.57 8.88 12.95
CA GLY B 199 -9.17 9.77 11.90
C GLY B 199 -8.22 9.22 10.84
N HIS B 200 -7.89 7.92 10.88
CA HIS B 200 -6.90 7.40 9.95
C HIS B 200 -7.33 7.61 8.50
N LEU B 201 -8.56 7.23 8.17
CA LEU B 201 -9.00 7.30 6.78
C LEU B 201 -8.96 8.73 6.25
N ALA B 202 -9.51 9.67 7.02
CA ALA B 202 -9.54 11.06 6.59
C ALA B 202 -8.15 11.63 6.45
N LEU B 203 -7.30 11.45 7.47
CA LEU B 203 -5.93 11.96 7.38
C LEU B 203 -5.17 11.34 6.23
N GLY B 204 -5.35 10.04 6.01
CA GLY B 204 -4.57 9.39 4.94
C GLY B 204 -4.95 9.91 3.56
N MET B 205 -6.24 9.97 3.29
CA MET B 205 -6.72 10.51 2.01
C MET B 205 -6.26 11.96 1.84
N ALA B 206 -6.43 12.77 2.88
CA ALA B 206 -6.06 14.18 2.80
C ALA B 206 -4.58 14.35 2.53
N GLU B 207 -3.74 13.60 3.25
CA GLU B 207 -2.29 13.77 3.10
C GLU B 207 -1.79 13.27 1.75
N ALA B 208 -2.24 12.08 1.34
CA ALA B 208 -1.83 11.56 0.05
C ALA B 208 -2.27 12.50 -1.07
N SER B 209 -3.47 13.07 -0.97
CA SER B 209 -3.98 13.99 -1.99
C SER B 209 -3.43 15.40 -1.88
N GLY B 210 -2.69 15.74 -0.81
CA GLY B 210 -2.28 17.12 -0.64
C GLY B 210 -3.43 18.08 -0.35
N ALA B 211 -4.53 17.58 0.18
CA ALA B 211 -5.64 18.46 0.55
C ALA B 211 -5.11 19.60 1.43
N HIS B 212 -5.80 20.74 1.35
CA HIS B 212 -5.34 21.96 2.02
C HIS B 212 -5.66 21.95 3.51
N LEU B 213 -6.58 21.12 3.95
CA LEU B 213 -6.86 21.00 5.38
C LEU B 213 -7.48 19.64 5.61
N CYS B 214 -7.16 19.04 6.75
CA CYS B 214 -7.88 17.90 7.27
C CYS B 214 -8.16 18.19 8.73
N LEU B 215 -9.35 17.79 9.21
CA LEU B 215 -9.72 17.92 10.62
C LEU B 215 -10.23 16.58 11.13
N ILE B 216 -9.63 16.08 12.20
CA ILE B 216 -9.99 14.79 12.79
C ILE B 216 -10.29 14.98 14.27
N PRO B 217 -11.11 14.13 14.88
CA PRO B 217 -11.42 14.31 16.32
C PRO B 217 -10.20 14.23 17.23
N GLU B 218 -9.17 13.49 16.83
CA GLU B 218 -8.04 13.30 17.74
C GLU B 218 -7.28 14.59 17.96
N GLU B 219 -7.34 15.53 17.02
CA GLU B 219 -6.50 16.70 17.16
C GLU B 219 -7.11 17.75 18.07
N PHE B 220 -8.28 17.49 18.66
CA PHE B 220 -8.92 18.44 19.56
C PHE B 220 -8.63 18.08 21.00
N LYS B 221 -8.10 19.05 21.75
CA LYS B 221 -7.61 18.77 23.09
C LYS B 221 -8.75 18.40 24.04
N GLN B 222 -9.83 19.17 24.03
CA GLN B 222 -10.90 18.93 24.98
C GLN B 222 -11.69 17.69 24.59
N ASP B 223 -12.18 16.98 25.61
CA ASP B 223 -13.06 15.84 25.38
C ASP B 223 -14.17 16.19 24.40
N GLU B 224 -14.62 17.45 24.38
CA GLU B 224 -15.77 17.84 23.57
C GLU B 224 -15.46 19.03 22.69
N ILE B 225 -16.15 19.05 21.54
CA ILE B 225 -15.93 19.99 20.45
C ILE B 225 -17.15 20.88 20.33
N GLU B 226 -16.93 22.14 19.99
CA GLU B 226 -18.02 23.06 19.72
C GLU B 226 -18.18 23.26 18.22
N PHE B 227 -19.45 23.34 17.76
CA PHE B 227 -19.72 23.53 16.33
C PHE B 227 -18.96 24.71 15.78
N GLU B 228 -18.95 25.82 16.53
CA GLU B 228 -18.36 27.05 16.04
C GLU B 228 -16.84 26.98 15.95
N ASP B 229 -16.21 26.08 16.68
CA ASP B 229 -14.76 25.93 16.54
C ASP B 229 -14.42 25.24 15.23
N VAL B 230 -15.21 24.25 14.86
CA VAL B 230 -15.00 23.58 13.57
C VAL B 230 -15.22 24.57 12.44
N VAL B 231 -16.30 25.35 12.51
CA VAL B 231 -16.53 26.34 11.46
C VAL B 231 -15.32 27.26 11.36
N GLU B 232 -14.88 27.80 12.49
CA GLU B 232 -13.82 28.82 12.45
C GLU B 232 -12.47 28.23 12.02
N LEU B 233 -12.20 26.97 12.35
CA LEU B 233 -10.99 26.34 11.83
C LEU B 233 -10.98 26.32 10.30
N VAL B 234 -12.10 25.95 9.69
CA VAL B 234 -12.15 25.92 8.23
C VAL B 234 -12.07 27.34 7.70
N GLU B 235 -12.75 28.27 8.38
CA GLU B 235 -12.79 29.67 7.95
C GLU B 235 -11.38 30.28 7.91
N ALA B 236 -10.58 30.07 8.96
CA ALA B 236 -9.22 30.60 8.96
C ALA B 236 -8.40 30.07 7.77
N THR B 237 -8.53 28.78 7.44
CA THR B 237 -7.78 28.24 6.31
C THR B 237 -8.21 28.90 5.00
N ILE B 238 -9.52 29.00 4.77
CA ILE B 238 -10.02 29.70 3.59
C ILE B 238 -9.44 31.11 3.51
N LEU B 239 -9.49 31.84 4.63
CA LEU B 239 -9.05 33.23 4.58
C LEU B 239 -7.56 33.32 4.30
N LYS B 240 -6.77 32.42 4.87
CA LYS B 240 -5.33 32.45 4.62
C LYS B 240 -5.03 32.16 3.16
N ARG B 241 -5.72 31.19 2.58
CA ARG B 241 -5.55 30.94 1.15
C ARG B 241 -5.99 32.14 0.34
N LEU B 242 -7.09 32.77 0.76
CA LEU B 242 -7.54 33.98 0.08
C LEU B 242 -6.45 35.05 0.08
N ALA B 243 -5.79 35.22 1.22
CA ALA B 243 -4.74 36.23 1.36
C ALA B 243 -3.50 35.88 0.53
N TYR B 244 -3.40 34.65 0.06
CA TYR B 244 -2.33 34.23 -0.85
C TYR B 244 -2.84 34.12 -2.29
N GLY B 245 -4.00 34.69 -2.58
CA GLY B 245 -4.50 34.80 -3.94
C GLY B 245 -5.39 33.67 -4.40
N LYS B 246 -5.70 32.72 -3.53
CA LYS B 246 -6.34 31.47 -3.93
C LYS B 246 -7.70 31.36 -3.24
N ASN B 247 -8.76 31.52 -4.04
CA ASN B 247 -10.13 31.44 -3.52
C ASN B 247 -10.71 30.04 -3.73
N TYR B 248 -9.87 29.02 -3.58
CA TYR B 248 -10.26 27.63 -3.86
C TYR B 248 -9.44 26.71 -2.97
N GLY B 249 -9.96 25.51 -2.75
CA GLY B 249 -9.21 24.48 -2.06
C GLY B 249 -10.11 23.30 -1.76
N VAL B 250 -9.53 22.32 -1.07
CA VAL B 250 -10.27 21.15 -0.61
C VAL B 250 -9.96 20.95 0.86
N CYS B 251 -11.00 20.71 1.66
CA CYS B 251 -10.86 20.44 3.08
C CYS B 251 -11.51 19.10 3.39
N VAL B 252 -10.76 18.21 4.02
CA VAL B 252 -11.29 16.89 4.37
C VAL B 252 -11.66 16.87 5.85
N LEU B 253 -12.83 16.30 6.16
CA LEU B 253 -13.36 16.27 7.51
C LEU B 253 -13.67 14.83 7.90
N ALA B 254 -13.16 14.39 9.04
CA ALA B 254 -13.57 13.10 9.58
C ALA B 254 -14.99 13.19 10.13
N GLU B 255 -15.84 12.23 9.77
CA GLU B 255 -17.18 12.19 10.34
C GLU B 255 -17.16 12.04 11.85
N GLY B 256 -16.04 11.59 12.42
CA GLY B 256 -15.89 11.48 13.87
C GLY B 256 -15.86 12.80 14.61
N LEU B 257 -15.75 13.92 13.91
CA LEU B 257 -15.95 15.21 14.58
C LEU B 257 -17.30 15.25 15.26
N VAL B 258 -18.30 14.63 14.64
CA VAL B 258 -19.67 14.66 15.15
C VAL B 258 -19.77 13.93 16.47
N SER B 259 -19.10 12.78 16.61
CA SER B 259 -19.24 11.97 17.82
C SER B 259 -18.53 12.61 19.01
N LYS B 260 -17.81 13.70 18.78
CA LYS B 260 -17.11 14.41 19.84
C LYS B 260 -17.74 15.76 20.14
N MET B 261 -18.83 16.11 19.47
CA MET B 261 -19.45 17.41 19.64
C MET B 261 -20.29 17.45 20.92
N SER B 262 -20.35 18.65 21.51
CA SER B 262 -21.09 18.86 22.74
C SER B 262 -22.59 18.78 22.48
N LYS B 263 -23.37 18.90 23.55
CA LYS B 263 -24.81 19.05 23.39
C LYS B 263 -25.13 20.30 22.60
N LYS B 264 -24.53 21.44 22.98
CA LYS B 264 -24.78 22.69 22.27
C LYS B 264 -24.32 22.60 20.82
N ALA B 265 -23.20 21.92 20.58
CA ALA B 265 -22.71 21.79 19.21
C ALA B 265 -23.64 20.92 18.37
N LEU B 266 -24.03 19.76 18.89
CA LEU B 266 -24.95 18.91 18.16
C LEU B 266 -26.28 19.61 17.91
N TYR B 267 -26.72 20.45 18.85
CA TYR B 267 -27.97 21.19 18.67
C TYR B 267 -27.91 22.08 17.43
N LYS B 268 -26.78 22.76 17.21
CA LYS B 268 -26.61 23.55 16.00
C LYS B 268 -26.36 22.68 14.76
N LEU B 269 -25.88 21.45 14.93
CA LEU B 269 -25.53 20.62 13.76
C LEU B 269 -26.78 20.09 13.08
N PHE B 270 -27.74 19.60 13.87
CA PHE B 270 -28.99 19.09 13.31
C PHE B 270 -29.96 20.21 13.02
N GLY B 271 -29.49 21.25 12.33
CA GLY B 271 -30.23 22.49 12.28
C GLY B 271 -30.01 23.24 13.58
N ASN B 272 -31.00 24.04 13.96
CA ASN B 272 -30.98 24.64 15.30
C ASN B 272 -32.11 24.03 16.11
N ARG B 273 -32.18 22.70 16.11
CA ARG B 273 -33.23 21.94 16.78
C ARG B 273 -32.60 20.89 17.68
N GLU B 274 -33.45 20.12 18.33
CA GLU B 274 -32.97 18.99 19.11
C GLU B 274 -32.47 17.89 18.17
N PRO B 275 -31.42 17.16 18.58
CA PRO B 275 -30.96 16.04 17.74
C PRO B 275 -31.97 14.92 17.74
N PRO B 276 -32.03 14.14 16.65
CA PRO B 276 -32.89 12.96 16.64
C PRO B 276 -32.38 11.92 17.63
N THR B 277 -33.32 11.13 18.16
CA THR B 277 -32.98 10.07 19.10
C THR B 277 -33.62 8.76 18.65
N ASP B 278 -32.84 7.69 18.70
CA ASP B 278 -33.37 6.35 18.64
C ASP B 278 -33.95 5.98 20.00
N PRO B 279 -34.87 5.02 20.04
CA PRO B 279 -35.40 4.57 21.34
C PRO B 279 -34.26 4.21 22.28
N HIS B 280 -34.54 4.32 23.59
CA HIS B 280 -33.55 4.15 24.65
C HIS B 280 -32.55 5.29 24.69
N GLY B 281 -32.88 6.42 24.05
CA GLY B 281 -32.02 7.59 24.07
C GLY B 281 -30.81 7.55 23.16
N HIS B 282 -30.42 6.38 22.66
CA HIS B 282 -29.28 6.28 21.75
C HIS B 282 -29.45 7.25 20.60
N ILE B 283 -28.62 8.30 20.56
CA ILE B 283 -28.81 9.35 19.57
C ILE B 283 -28.59 8.79 18.16
N LEU B 284 -29.30 9.37 17.19
CA LEU B 284 -29.22 8.93 15.80
C LEU B 284 -28.24 9.82 15.05
N LEU B 285 -26.96 9.56 15.29
CA LEU B 285 -25.90 10.40 14.72
C LEU B 285 -25.72 10.19 13.23
N ASP B 286 -26.18 9.06 12.67
CA ASP B 286 -26.01 8.85 11.25
C ASP B 286 -26.75 9.89 10.41
N ASP B 287 -27.80 10.50 10.97
CA ASP B 287 -28.61 11.44 10.21
C ASP B 287 -27.93 12.78 10.03
N ALA B 288 -26.91 13.07 10.84
CA ALA B 288 -26.19 14.33 10.71
C ALA B 288 -25.59 14.45 9.31
N GLU B 289 -25.47 15.67 8.85
CA GLU B 289 -24.81 16.01 7.59
C GLU B 289 -23.76 17.06 7.97
N LEU B 290 -22.62 16.61 8.47
CA LEU B 290 -21.62 17.53 8.99
C LEU B 290 -21.17 18.51 7.91
N ALA B 291 -20.72 17.98 6.78
CA ALA B 291 -20.15 18.84 5.76
C ALA B 291 -21.20 19.76 5.15
N ARG B 292 -22.44 19.30 5.01
CA ARG B 292 -23.48 20.20 4.54
C ARG B 292 -23.71 21.33 5.54
N SER B 293 -23.77 21.01 6.84
CA SER B 293 -24.00 22.06 7.84
C SER B 293 -22.88 23.09 7.80
N LEU B 294 -21.63 22.63 7.85
CA LEU B 294 -20.51 23.56 7.82
C LEU B 294 -20.54 24.39 6.55
N SER B 295 -20.97 23.78 5.45
CA SER B 295 -20.99 24.49 4.17
C SER B 295 -22.00 25.64 4.22
N GLU B 296 -23.19 25.37 4.78
CA GLU B 296 -24.17 26.41 5.03
C GLU B 296 -23.56 27.60 5.77
N GLU B 297 -23.07 27.36 6.98
CA GLU B 297 -22.58 28.42 7.85
C GLU B 297 -21.48 29.23 7.18
N LEU B 298 -20.55 28.55 6.51
CA LEU B 298 -19.39 29.23 5.93
C LEU B 298 -19.78 30.12 4.76
N LEU B 299 -20.80 29.72 3.98
CA LEU B 299 -21.28 30.59 2.91
C LEU B 299 -22.00 31.82 3.46
N LYS B 300 -22.64 31.71 4.63
CA LYS B 300 -23.15 32.91 5.28
C LYS B 300 -22.00 33.88 5.56
N ARG B 301 -20.89 33.36 6.07
CA ARG B 301 -19.81 34.22 6.54
C ARG B 301 -18.94 34.74 5.41
N LEU B 302 -18.73 33.93 4.36
CA LEU B 302 -17.67 34.17 3.39
C LEU B 302 -18.15 34.41 1.98
N GLY B 303 -19.42 34.13 1.67
CA GLY B 303 -19.88 34.27 0.30
C GLY B 303 -19.65 35.67 -0.26
N ASN B 304 -19.77 36.70 0.58
CA ASN B 304 -19.54 38.07 0.14
C ASN B 304 -18.11 38.29 -0.35
N LEU B 305 -17.18 37.42 0.03
CA LEU B 305 -15.82 37.46 -0.47
C LEU B 305 -15.67 36.79 -1.84
N GLY B 306 -16.78 36.37 -2.46
CA GLY B 306 -16.69 35.61 -3.69
C GLY B 306 -16.30 34.16 -3.50
N ILE B 307 -16.68 33.55 -2.39
CA ILE B 307 -16.28 32.18 -2.08
C ILE B 307 -17.48 31.26 -2.30
N ARG B 308 -17.26 30.19 -3.05
CA ARG B 308 -18.20 29.13 -3.30
C ARG B 308 -17.76 27.89 -2.52
N ILE B 309 -18.71 27.19 -1.93
CA ILE B 309 -18.43 26.09 -1.03
C ILE B 309 -19.44 24.99 -1.27
N THR B 310 -18.95 23.76 -1.43
CA THR B 310 -19.78 22.63 -1.80
C THR B 310 -19.42 21.42 -0.96
N PRO B 311 -20.37 20.79 -0.27
CA PRO B 311 -20.06 19.53 0.42
C PRO B 311 -20.01 18.36 -0.53
N LYS B 312 -19.23 17.35 -0.15
CA LYS B 312 -19.12 16.12 -0.92
C LYS B 312 -18.79 15.00 0.04
N LYS B 313 -19.56 13.93 0.03
CA LYS B 313 -19.29 12.79 0.92
C LYS B 313 -18.55 11.69 0.16
N ILE B 314 -17.60 11.07 0.85
CA ILE B 314 -16.86 9.91 0.36
C ILE B 314 -17.04 8.82 1.40
N GLY B 315 -17.55 7.68 0.97
CA GLY B 315 -17.88 6.64 1.93
C GLY B 315 -18.23 5.31 1.33
N TYR B 316 -19.48 5.17 0.85
CA TYR B 316 -19.95 3.87 0.39
C TYR B 316 -19.21 3.39 -0.86
N GLU B 317 -18.62 4.29 -1.65
CA GLU B 317 -17.90 3.82 -2.83
C GLU B 317 -16.57 3.16 -2.50
N LEU B 318 -16.17 3.18 -1.23
CA LEU B 318 -14.89 2.63 -0.81
C LEU B 318 -14.99 1.23 -0.22
N ARG B 319 -16.18 0.80 0.18
CA ARG B 319 -16.26 -0.41 0.98
C ARG B 319 -16.00 -1.64 0.14
N CYS B 320 -16.39 -1.61 -1.15
CA CYS B 320 -16.34 -2.76 -2.03
C CYS B 320 -15.54 -2.46 -3.29
N ALA B 321 -14.63 -1.50 -3.22
CA ALA B 321 -13.63 -1.33 -4.26
C ALA B 321 -12.82 -2.62 -4.37
N ASP B 322 -12.39 -2.94 -5.58
CA ASP B 322 -11.49 -4.07 -5.74
C ASP B 322 -10.22 -3.80 -4.95
N PRO B 323 -9.70 -4.79 -4.24
CA PRO B 323 -8.55 -4.53 -3.35
C PRO B 323 -7.26 -4.29 -4.12
N VAL B 324 -6.48 -3.31 -3.65
CA VAL B 324 -5.15 -3.06 -4.20
C VAL B 324 -4.21 -4.21 -3.80
N ALA B 325 -3.07 -4.28 -4.50
CA ALA B 325 -2.15 -5.39 -4.30
C ALA B 325 -1.79 -5.59 -2.82
N PHE B 326 -1.58 -4.50 -2.07
CA PHE B 326 -1.20 -4.67 -0.66
C PHE B 326 -2.27 -5.45 0.09
N ASP B 327 -3.55 -5.13 -0.18
CA ASP B 327 -4.64 -5.84 0.47
C ASP B 327 -4.86 -7.23 -0.09
N ALA B 328 -4.63 -7.45 -1.38
CA ALA B 328 -4.75 -8.80 -1.91
C ALA B 328 -3.79 -9.73 -1.16
N VAL B 329 -2.54 -9.30 -1.01
CA VAL B 329 -1.55 -10.11 -0.30
C VAL B 329 -1.96 -10.28 1.16
N TYR B 330 -2.30 -9.18 1.82
CA TYR B 330 -2.71 -9.20 3.22
C TYR B 330 -3.81 -10.22 3.46
N THR B 331 -4.87 -10.17 2.67
CA THR B 331 -6.01 -11.05 2.91
C THR B 331 -5.70 -12.49 2.54
N ARG B 332 -4.88 -12.70 1.51
CA ARG B 332 -4.38 -14.05 1.25
C ARG B 332 -3.68 -14.61 2.49
N GLU B 333 -2.83 -13.81 3.14
CA GLU B 333 -2.09 -14.29 4.30
C GLU B 333 -3.00 -14.48 5.52
N LEU B 334 -4.02 -13.65 5.68
CA LEU B 334 -4.99 -13.87 6.76
C LEU B 334 -5.77 -15.16 6.53
N GLY B 335 -6.23 -15.41 5.30
CA GLY B 335 -6.97 -16.63 5.03
C GLY B 335 -6.14 -17.88 5.29
N TYR B 336 -4.87 -17.87 4.83
CA TYR B 336 -3.98 -18.98 5.15
C TYR B 336 -3.83 -19.13 6.66
N GLY B 337 -3.61 -18.01 7.36
CA GLY B 337 -3.33 -18.07 8.80
C GLY B 337 -4.50 -18.60 9.60
N ALA B 338 -5.72 -18.42 9.09
CA ALA B 338 -6.88 -18.99 9.76
C ALA B 338 -6.87 -20.51 9.68
N ILE B 339 -6.65 -21.06 8.48
CA ILE B 339 -6.58 -22.51 8.35
C ILE B 339 -5.43 -23.05 9.20
N ASP B 340 -4.27 -22.41 9.14
CA ASP B 340 -3.14 -22.88 9.93
C ASP B 340 -3.48 -22.89 11.40
N ALA B 341 -4.35 -21.99 11.84
CA ALA B 341 -4.69 -21.89 13.26
C ALA B 341 -5.68 -22.98 13.65
N PHE B 342 -6.69 -23.21 12.81
CA PHE B 342 -7.57 -24.35 13.04
C PHE B 342 -6.78 -25.65 13.11
N LEU B 343 -5.76 -25.78 12.25
CA LEU B 343 -4.98 -27.01 12.18
C LEU B 343 -4.22 -27.24 13.47
N ASN B 344 -3.70 -26.18 14.09
CA ASN B 344 -2.95 -26.27 15.33
C ASN B 344 -3.84 -26.36 16.56
N GLY B 345 -5.15 -26.54 16.37
CA GLY B 345 -6.03 -26.69 17.51
C GLY B 345 -6.43 -25.41 18.21
N HIS B 346 -6.25 -24.27 17.56
CA HIS B 346 -6.66 -23.02 18.17
C HIS B 346 -8.17 -22.81 18.04
N SER B 347 -8.70 -21.98 18.92
CA SER B 347 -10.11 -21.65 18.96
C SER B 347 -10.26 -20.47 19.91
N ALA B 348 -11.34 -19.71 19.72
CA ALA B 348 -11.61 -18.52 20.52
C ALA B 348 -10.52 -17.47 20.33
N ALA B 349 -10.08 -17.30 19.09
CA ALA B 349 -8.97 -16.40 18.79
C ALA B 349 -9.27 -15.52 17.60
N LEU B 350 -8.48 -14.45 17.48
CA LEU B 350 -8.55 -13.50 16.38
C LEU B 350 -7.30 -13.62 15.53
N ILE B 351 -7.46 -13.55 14.22
CA ILE B 351 -6.35 -13.64 13.28
C ILE B 351 -5.90 -12.23 12.94
N VAL B 352 -4.68 -11.89 13.34
CA VAL B 352 -4.10 -10.59 13.04
C VAL B 352 -2.72 -10.82 12.45
N ARG B 353 -2.23 -9.81 11.75
CA ARG B 353 -0.85 -9.79 11.28
C ARG B 353 -0.10 -8.74 12.08
N GLU B 354 0.89 -9.18 12.85
CA GLU B 354 1.81 -8.29 13.56
C GLU B 354 3.22 -8.65 13.13
N ASN B 355 4.06 -7.62 12.94
CA ASN B 355 5.47 -7.81 12.60
C ASN B 355 5.63 -8.81 11.45
N GLY B 356 4.73 -8.73 10.48
CA GLY B 356 4.83 -9.53 9.28
C GLY B 356 4.39 -10.97 9.40
N GLN B 357 4.18 -11.47 10.61
CA GLN B 357 3.67 -12.81 10.83
C GLN B 357 2.17 -12.75 11.10
N VAL B 358 1.44 -13.71 10.58
CA VAL B 358 0.04 -13.89 10.93
C VAL B 358 -0.03 -14.89 12.07
N LYS B 359 -0.65 -14.49 13.17
CA LYS B 359 -0.71 -15.31 14.37
C LYS B 359 -2.10 -15.17 14.98
N PRO B 360 -2.58 -16.21 15.62
CA PRO B 360 -3.89 -16.12 16.30
C PRO B 360 -3.77 -15.53 17.71
N VAL B 361 -3.90 -14.21 17.81
CA VAL B 361 -4.03 -13.59 19.12
C VAL B 361 -5.30 -14.12 19.77
N GLN B 362 -5.25 -14.30 21.09
CA GLN B 362 -6.42 -14.79 21.81
C GLN B 362 -7.34 -13.64 22.18
N PHE B 363 -8.64 -13.90 22.16
CA PHE B 363 -9.62 -12.82 22.30
C PHE B 363 -9.49 -12.12 23.65
N LYS B 364 -9.18 -12.88 24.70
CA LYS B 364 -9.01 -12.28 26.02
C LYS B 364 -7.87 -11.26 26.03
N ASP B 365 -6.87 -11.44 25.16
CA ASP B 365 -5.72 -10.56 25.10
C ASP B 365 -5.88 -9.45 24.08
N LEU B 366 -7.10 -9.18 23.62
CA LEU B 366 -7.38 -8.00 22.79
C LEU B 366 -8.54 -7.18 23.32
N LEU B 367 -9.32 -7.70 24.27
CA LEU B 367 -10.53 -7.04 24.74
C LEU B 367 -10.21 -6.11 25.91
N ASP B 368 -10.43 -4.81 25.71
CA ASP B 368 -10.35 -3.88 26.83
C ASP B 368 -11.39 -4.25 27.88
N PRO B 369 -11.09 -4.04 29.17
CA PRO B 369 -12.06 -4.43 30.21
C PRO B 369 -13.32 -3.57 30.22
N ALA B 370 -13.16 -2.25 30.32
CA ALA B 370 -14.31 -1.37 30.46
C ALA B 370 -15.25 -1.49 29.27
N THR B 371 -14.71 -1.41 28.04
CA THR B 371 -15.54 -1.42 26.85
C THR B 371 -16.00 -2.81 26.46
N GLY B 372 -15.29 -3.86 26.88
CA GLY B 372 -15.59 -5.20 26.45
C GLY B 372 -15.19 -5.52 25.03
N ARG B 373 -14.84 -4.53 24.21
CA ARG B 373 -14.46 -4.73 22.82
C ARG B 373 -12.99 -4.43 22.64
N VAL B 374 -12.47 -4.78 21.46
CA VAL B 374 -11.04 -4.64 21.20
C VAL B 374 -10.63 -3.17 21.30
N ARG B 375 -9.50 -2.93 21.96
CA ARG B 375 -8.99 -1.57 22.11
C ARG B 375 -9.02 -0.84 20.78
N THR B 376 -9.44 0.41 20.82
CA THR B 376 -9.52 1.25 19.63
C THR B 376 -8.22 2.05 19.49
N ARG B 377 -7.61 1.96 18.32
CA ARG B 377 -6.37 2.67 18.05
C ARG B 377 -6.72 3.90 17.25
N LEU B 378 -6.49 5.07 17.84
CA LEU B 378 -6.81 6.33 17.22
C LEU B 378 -5.57 6.84 16.49
N VAL B 379 -5.70 8.01 15.86
CA VAL B 379 -4.52 8.67 15.28
C VAL B 379 -3.67 9.23 16.40
N ASP B 380 -2.36 8.95 16.34
CA ASP B 380 -1.38 9.50 17.30
C ASP B 380 -1.00 10.89 16.82
N VAL B 381 -1.55 11.93 17.46
CA VAL B 381 -1.30 13.28 17.00
C VAL B 381 -0.01 13.87 17.55
N THR B 382 0.70 13.15 18.42
CA THR B 382 2.00 13.58 18.90
C THR B 382 3.14 13.11 17.99
N SER B 383 2.83 12.32 16.97
CA SER B 383 3.85 11.64 16.19
C SER B 383 4.43 12.56 15.13
N GLN B 384 5.65 12.22 14.68
CA GLN B 384 6.23 12.92 13.54
C GLN B 384 5.32 12.83 12.31
N SER B 385 4.69 11.68 12.09
CA SER B 385 3.81 11.52 10.94
C SER B 385 2.76 12.64 10.90
N PHE B 386 2.08 12.88 12.03
CA PHE B 386 1.01 13.86 12.01
C PHE B 386 1.55 15.27 11.80
N LYS B 387 2.65 15.60 12.50
CA LYS B 387 3.27 16.90 12.31
C LYS B 387 3.64 17.12 10.85
N VAL B 388 4.17 16.09 10.20
CA VAL B 388 4.53 16.20 8.79
C VAL B 388 3.30 16.50 7.94
N ALA B 389 2.20 15.78 8.18
CA ALA B 389 0.98 16.07 7.43
C ALA B 389 0.53 17.51 7.64
N ARG B 390 0.74 18.04 8.84
CA ARG B 390 0.25 19.39 9.14
C ARG B 390 0.99 20.44 8.32
N VAL B 391 2.29 20.23 8.10
CA VAL B 391 3.10 21.26 7.45
C VAL B 391 2.64 21.54 6.04
N TYR B 392 2.14 20.54 5.32
CA TYR B 392 1.62 20.72 3.98
C TYR B 392 0.16 21.16 3.93
N MET B 393 -0.51 21.24 5.07
CA MET B 393 -1.82 21.86 5.11
C MET B 393 -1.66 23.39 5.15
N TRP B 394 -2.75 24.08 4.81
CA TRP B 394 -2.85 25.53 4.95
C TRP B 394 -3.65 25.85 6.22
N ARG B 395 -3.02 26.57 7.15
CA ARG B 395 -3.65 26.82 8.45
C ARG B 395 -2.87 27.90 9.17
N MET B 396 -3.49 28.47 10.20
CA MET B 396 -2.86 29.48 11.05
C MET B 396 -2.30 28.79 12.28
N SER B 397 -0.98 28.80 12.40
CA SER B 397 -0.30 28.22 13.55
C SER B 397 -0.25 29.23 14.69
N LYS B 398 0.24 28.78 15.85
CA LYS B 398 0.50 29.72 16.94
C LYS B 398 1.37 30.87 16.45
N LYS B 399 2.48 30.55 15.80
CA LYS B 399 3.39 31.59 15.33
C LYS B 399 2.70 32.50 14.32
N ASP B 400 1.89 31.94 13.43
CA ASP B 400 1.23 32.75 12.41
C ASP B 400 0.38 33.84 13.04
N TYR B 401 -0.28 33.54 14.16
CA TYR B 401 -1.15 34.53 14.78
C TYR B 401 -0.33 35.66 15.39
N GLU B 402 0.91 35.37 15.77
CA GLU B 402 1.79 36.41 16.27
C GLU B 402 2.48 37.16 15.15
N ASN B 403 2.52 36.61 13.94
CA ASN B 403 3.08 37.36 12.82
C ASN B 403 2.15 38.52 12.50
N LYS B 404 2.63 39.75 12.71
CA LYS B 404 1.80 40.93 12.50
C LYS B 404 1.50 41.14 11.03
N ASP B 405 2.53 41.10 10.18
CA ASP B 405 2.32 41.33 8.75
C ASP B 405 1.36 40.30 8.17
N LEU B 406 1.49 39.04 8.59
CA LEU B 406 0.63 37.99 8.06
C LEU B 406 -0.81 38.18 8.52
N VAL B 407 -1.00 38.42 9.81
CA VAL B 407 -2.34 38.67 10.35
C VAL B 407 -2.99 39.82 9.64
N ALA B 408 -2.22 40.84 9.23
CA ALA B 408 -2.81 41.96 8.51
C ALA B 408 -3.27 41.55 7.11
N ARG B 409 -2.55 40.62 6.47
CA ARG B 409 -2.95 40.17 5.14
C ARG B 409 -4.20 39.31 5.21
N VAL B 410 -4.26 38.39 6.17
CA VAL B 410 -5.40 37.49 6.27
C VAL B 410 -6.63 38.25 6.71
N ALA B 411 -6.46 39.24 7.59
CA ALA B 411 -7.60 40.04 8.03
C ALA B 411 -8.15 40.86 6.89
N ALA B 412 -7.28 41.54 6.14
CA ALA B 412 -7.72 42.23 4.94
C ALA B 412 -8.46 41.29 4.00
N ALA B 413 -7.96 40.06 3.84
CA ALA B 413 -8.61 39.11 2.93
C ALA B 413 -10.04 38.84 3.36
N GLY B 414 -10.29 38.79 4.66
CA GLY B 414 -11.62 38.63 5.19
C GLY B 414 -12.36 39.92 5.49
N LYS B 415 -11.80 41.06 5.12
CA LYS B 415 -12.43 42.37 5.31
C LYS B 415 -12.76 42.61 6.79
N MET B 416 -11.74 42.50 7.62
CA MET B 416 -11.85 42.87 9.02
C MET B 416 -10.54 43.47 9.50
N THR B 417 -10.60 44.14 10.63
CA THR B 417 -9.39 44.63 11.27
C THR B 417 -8.58 43.45 11.79
N PRO B 418 -7.27 43.63 11.98
CA PRO B 418 -6.49 42.57 12.64
C PRO B 418 -6.95 42.28 14.04
N GLU B 419 -7.51 43.27 14.75
CA GLU B 419 -7.99 43.03 16.11
C GLU B 419 -9.24 42.17 16.10
N ALA B 420 -10.16 42.40 15.17
CA ALA B 420 -11.33 41.53 15.05
C ALA B 420 -10.93 40.13 14.61
N PHE B 421 -9.84 40.01 13.84
CA PHE B 421 -9.36 38.70 13.42
C PHE B 421 -8.81 37.92 14.61
N THR B 422 -7.98 38.56 15.42
CA THR B 422 -7.39 37.88 16.58
C THR B 422 -8.47 37.52 17.59
N GLU B 423 -9.39 38.44 17.86
CA GLU B 423 -10.47 38.17 18.81
C GLU B 423 -11.31 36.97 18.38
N LYS B 424 -11.45 36.75 17.08
CA LYS B 424 -12.29 35.65 16.61
C LYS B 424 -11.53 34.34 16.52
N PHE B 425 -10.30 34.36 15.99
CA PHE B 425 -9.60 33.14 15.60
C PHE B 425 -8.41 32.77 16.48
N ALA B 426 -7.75 33.73 17.13
CA ALA B 426 -6.50 33.41 17.82
C ALA B 426 -6.68 32.31 18.86
N HIS B 427 -7.86 32.23 19.49
CA HIS B 427 -8.12 31.23 20.50
C HIS B 427 -8.10 29.79 19.96
N LEU B 428 -8.09 29.60 18.64
CA LEU B 428 -8.08 28.24 18.09
C LEU B 428 -6.78 27.50 18.39
N THR B 429 -5.72 28.22 18.75
CA THR B 429 -4.48 27.56 19.16
C THR B 429 -4.66 26.78 20.45
N ASP B 430 -5.73 27.05 21.21
CA ASP B 430 -6.08 26.30 22.40
C ASP B 430 -7.10 25.20 22.13
N VAL B 431 -7.67 25.15 20.92
CA VAL B 431 -8.68 24.16 20.60
C VAL B 431 -8.04 22.90 20.02
N VAL B 432 -7.12 23.04 19.07
CA VAL B 432 -6.44 21.91 18.46
C VAL B 432 -4.97 21.91 18.81
N VAL B 433 -4.37 20.72 18.79
CA VAL B 433 -2.94 20.61 19.10
C VAL B 433 -2.14 21.35 18.03
N GLU B 434 -0.98 21.84 18.43
CA GLU B 434 -0.13 22.61 17.51
C GLU B 434 0.98 21.74 16.95
#